data_2OT7
#
_entry.id   2OT7
#
_cell.length_a   101.209
_cell.length_b   149.842
_cell.length_c   57.470
_cell.angle_alpha   90.00
_cell.angle_beta   90.00
_cell.angle_gamma   90.00
#
_symmetry.space_group_name_H-M   'P 21 21 2'
#
loop_
_entity.id
_entity.type
_entity.pdbx_description
1 polymer 'JmjC domain-containing histone demethylation protein 3A'
2 polymer 'histone 3 K9 monomethyl'
3 non-polymer 'NICKEL (II) ION'
4 non-polymer 'ZINC ION'
5 non-polymer N-OXALYLGLYCINE
6 water water
#
loop_
_entity_poly.entity_id
_entity_poly.type
_entity_poly.pdbx_seq_one_letter_code
_entity_poly.pdbx_strand_id
1 'polypeptide(L)'
;MHHHHHHSSGVDLGTENLYFQSMASESETLNPSARIMTFYPTMEEFRNFSRYIAYIESQGAHRAGLAKVVPPKEWKPRAS
YDDIDDLVIPAPIQQLVTGQSGLFTQYNIQKKAMTVREFRKIANSDKYCTPRYSEFEELERKYWKNLTFNPPIYGADVNG
TLYEKHVDEWNIGRLRTILDLVEKESGITIEGVNTPYLYFGMWKTSFAWHTEDMDLYSINYLHFGEPKSWYSVPPEHGKR
LERLAKGFFPGSAQSCEAFLRHKMTLISPLMLKKYGIPFDKVTQEAGEFMITFPYGYHAGFNHGFNCAESTNFATRRWIE
YGKQAVLCSCRKDMVKISMDVFVRKFQPERYKLWKAGKDNTVIDHTLPTPEAAEFLKESEL
;
A,B
2 'polypeptide(L)' AR(MLZ)STGG(ALY) C,D
#
# COMPACT_ATOMS: atom_id res chain seq x y z
N THR A 29 22.25 -3.48 -2.58
CA THR A 29 21.18 -3.95 -1.64
C THR A 29 20.99 -2.98 -0.45
N LEU A 30 21.02 -1.68 -0.75
CA LEU A 30 21.17 -0.62 0.25
C LEU A 30 19.82 -0.09 0.76
N ASN A 31 19.71 0.12 2.08
CA ASN A 31 18.45 0.51 2.73
C ASN A 31 17.23 -0.24 2.19
N PRO A 32 17.24 -1.59 2.32
CA PRO A 32 16.15 -2.44 1.81
C PRO A 32 14.79 -2.20 2.46
N SER A 33 14.80 -1.68 3.69
CA SER A 33 13.56 -1.25 4.37
C SER A 33 12.97 0.04 3.78
N ALA A 34 13.81 0.83 3.11
CA ALA A 34 13.40 2.11 2.57
C ALA A 34 12.98 3.10 3.66
N ARG A 35 13.61 3.01 4.84
CA ARG A 35 13.29 3.90 5.96
C ARG A 35 13.99 5.27 5.80
N ILE A 36 13.43 6.32 6.41
CA ILE A 36 14.06 7.64 6.37
C ILE A 36 15.35 7.61 7.20
N MET A 37 16.45 8.03 6.58
CA MET A 37 17.78 8.08 7.16
C MET A 37 18.13 9.49 7.59
N THR A 38 18.97 9.59 8.62
CA THR A 38 19.48 10.89 9.09
C THR A 38 20.99 10.85 9.05
N PHE A 39 21.59 11.94 8.56
CA PHE A 39 23.04 12.02 8.39
C PHE A 39 23.66 13.17 9.18
N TYR A 40 24.84 12.92 9.72
CA TYR A 40 25.57 13.90 10.52
C TYR A 40 26.96 14.12 9.94
N PRO A 41 27.04 14.84 8.81
CA PRO A 41 28.33 15.07 8.18
C PRO A 41 29.19 16.03 8.96
N THR A 42 30.50 15.80 8.92
CA THR A 42 31.48 16.74 9.41
C THR A 42 31.50 17.92 8.47
N MET A 43 32.12 19.01 8.88
CA MET A 43 32.19 20.19 8.03
C MET A 43 32.89 19.87 6.70
N GLU A 44 33.85 18.93 6.72
CA GLU A 44 34.60 18.54 5.51
C GLU A 44 33.69 17.80 4.51
N GLU A 45 32.93 16.83 5.00
CA GLU A 45 31.96 16.13 4.17
C GLU A 45 30.90 17.08 3.62
N PHE A 46 30.51 18.03 4.46
CA PHE A 46 29.37 18.94 4.22
C PHE A 46 29.61 19.89 3.04
N ARG A 47 30.82 20.42 2.93
CA ARG A 47 31.16 21.52 2.01
C ARG A 47 30.64 21.37 0.58
N ASN A 48 30.92 20.24 -0.07
CA ASN A 48 30.45 20.01 -1.44
C ASN A 48 29.08 19.34 -1.47
N PHE A 49 28.05 20.12 -1.80
CA PHE A 49 26.65 19.71 -1.73
C PHE A 49 26.29 18.55 -2.67
N SER A 50 26.58 18.70 -3.95
CA SER A 50 26.29 17.63 -4.91
C SER A 50 26.94 16.33 -4.50
N ARG A 51 28.19 16.43 -4.06
CA ARG A 51 28.93 15.27 -3.65
C ARG A 51 28.36 14.61 -2.39
N TYR A 52 27.82 15.38 -1.46
CA TYR A 52 27.14 14.78 -0.32
C TYR A 52 25.81 14.17 -0.71
N ILE A 53 25.12 14.72 -1.70
CA ILE A 53 23.89 14.07 -2.14
C ILE A 53 24.18 12.72 -2.77
N ALA A 54 25.25 12.62 -3.55
CA ALA A 54 25.69 11.35 -4.11
C ALA A 54 26.09 10.34 -3.02
N TYR A 55 26.75 10.83 -1.98
CA TYR A 55 27.07 10.00 -0.84
C TYR A 55 25.83 9.42 -0.15
N ILE A 56 24.84 10.25 0.17
CA ILE A 56 23.67 9.73 0.88
C ILE A 56 22.91 8.73 0.01
N GLU A 57 22.88 8.98 -1.30
CA GLU A 57 22.32 8.00 -2.23
C GLU A 57 23.12 6.68 -2.27
N SER A 58 24.45 6.74 -2.13
CA SER A 58 25.27 5.52 -1.98
C SER A 58 24.94 4.71 -0.72
N GLN A 59 24.32 5.36 0.25
CA GLN A 59 23.86 4.71 1.47
C GLN A 59 22.40 4.26 1.39
N GLY A 60 21.75 4.45 0.23
CA GLY A 60 20.33 4.08 0.05
C GLY A 60 19.27 5.10 0.48
N ALA A 61 19.69 6.32 0.83
CA ALA A 61 18.78 7.32 1.43
C ALA A 61 17.57 7.62 0.54
N HIS A 62 17.85 7.70 -0.75
CA HIS A 62 16.84 8.03 -1.76
C HIS A 62 15.66 7.08 -1.80
N ARG A 63 15.87 5.84 -1.39
CA ARG A 63 14.80 4.84 -1.39
C ARG A 63 13.60 5.17 -0.50
N ALA A 64 13.83 6.00 0.52
CA ALA A 64 12.77 6.45 1.43
C ALA A 64 11.88 7.56 0.84
N GLY A 65 12.45 8.28 -0.12
CA GLY A 65 11.82 9.46 -0.75
C GLY A 65 12.25 10.75 -0.05
N LEU A 66 12.78 10.60 1.16
CA LEU A 66 13.01 11.72 2.06
C LEU A 66 14.15 11.34 2.98
N ALA A 67 15.04 12.29 3.23
CA ALA A 67 16.20 12.13 4.12
C ALA A 67 16.41 13.40 4.94
N LYS A 68 16.98 13.23 6.13
CA LYS A 68 17.36 14.34 6.99
C LYS A 68 18.88 14.44 7.03
N VAL A 69 19.39 15.67 6.96
CA VAL A 69 20.80 15.95 7.14
C VAL A 69 20.92 17.01 8.25
N VAL A 70 21.62 16.65 9.33
CA VAL A 70 21.89 17.60 10.43
C VAL A 70 23.26 18.24 10.16
N PRO A 71 23.28 19.56 9.88
CA PRO A 71 24.54 20.21 9.61
C PRO A 71 25.42 20.32 10.86
N PRO A 72 26.74 20.40 10.67
CA PRO A 72 27.68 20.48 11.80
C PRO A 72 27.43 21.71 12.65
N LYS A 73 27.68 21.59 13.95
CA LYS A 73 27.38 22.64 14.93
C LYS A 73 27.97 23.98 14.51
N GLU A 74 29.21 23.97 14.04
CA GLU A 74 29.93 25.21 13.70
C GLU A 74 29.28 25.96 12.53
N TRP A 75 28.46 25.26 11.77
CA TRP A 75 27.77 25.87 10.65
C TRP A 75 26.58 26.71 11.11
N LYS A 76 26.44 27.86 10.46
CA LYS A 76 25.31 28.77 10.68
C LYS A 76 25.10 29.62 9.39
N PRO A 77 23.86 29.69 8.86
CA PRO A 77 23.60 30.44 7.61
C PRO A 77 23.35 31.96 7.78
N ARG A 78 23.07 32.37 9.01
CA ARG A 78 22.72 33.74 9.31
C ARG A 78 23.11 33.99 10.76
N ALA A 79 23.78 35.12 11.01
CA ALA A 79 24.24 35.49 12.35
C ALA A 79 23.04 35.75 13.26
N SER A 80 22.00 36.40 12.75
CA SER A 80 20.77 36.60 13.55
C SER A 80 19.52 36.89 12.74
N TYR A 81 18.38 36.46 13.26
CA TYR A 81 17.05 36.68 12.66
C TYR A 81 16.25 37.85 13.32
N ASP A 82 16.96 38.83 13.87
CA ASP A 82 16.34 39.95 14.61
C ASP A 82 15.74 41.04 13.71
N ASP A 83 16.10 40.99 12.43
CA ASP A 83 15.83 42.10 11.51
C ASP A 83 14.72 41.81 10.50
N ILE A 84 14.12 40.63 10.55
CA ILE A 84 13.24 40.22 9.45
C ILE A 84 11.75 40.49 9.71
N ASP A 85 11.44 41.06 10.86
CA ASP A 85 10.05 41.34 11.24
C ASP A 85 9.39 42.34 10.27
N ASP A 86 10.20 43.04 9.47
CA ASP A 86 9.69 43.99 8.47
C ASP A 86 9.57 43.39 7.06
N LEU A 87 10.02 42.14 6.88
CA LEU A 87 9.90 41.42 5.61
C LEU A 87 8.42 41.22 5.23
N VAL A 88 8.09 41.41 3.94
CA VAL A 88 6.72 41.31 3.45
C VAL A 88 6.42 39.91 2.95
N ILE A 89 5.24 39.42 3.31
CA ILE A 89 4.68 38.17 2.82
C ILE A 89 3.58 38.64 1.86
N PRO A 90 3.89 38.74 0.56
CA PRO A 90 2.96 39.46 -0.34
C PRO A 90 1.61 38.77 -0.57
N ALA A 91 1.56 37.45 -0.42
CA ALA A 91 0.35 36.70 -0.70
C ALA A 91 0.17 35.53 0.27
N PRO A 92 -0.16 35.83 1.54
CA PRO A 92 -0.38 34.75 2.49
C PRO A 92 -1.65 33.98 2.11
N ILE A 93 -1.69 32.68 2.40
CA ILE A 93 -2.85 31.87 2.03
C ILE A 93 -3.56 31.34 3.28
N GLN A 94 -4.88 31.53 3.32
CA GLN A 94 -5.70 30.88 4.34
C GLN A 94 -6.06 29.50 3.81
N GLN A 95 -5.96 28.49 4.67
CA GLN A 95 -6.04 27.10 4.25
C GLN A 95 -7.32 26.47 4.75
N LEU A 96 -8.33 26.49 3.88
CA LEU A 96 -9.61 25.91 4.17
C LEU A 96 -9.60 24.41 3.82
N VAL A 97 -9.85 23.54 4.79
CA VAL A 97 -9.87 22.11 4.54
C VAL A 97 -11.27 21.51 4.70
N THR A 98 -11.62 20.68 3.73
CA THR A 98 -12.89 20.01 3.70
C THR A 98 -12.65 18.50 3.60
N GLY A 99 -13.39 17.73 4.39
CA GLY A 99 -13.34 16.28 4.30
C GLY A 99 -13.59 15.56 5.62
N GLN A 100 -13.27 14.27 5.65
CA GLN A 100 -13.56 13.43 6.80
C GLN A 100 -12.89 12.07 6.61
N SER A 101 -12.61 11.39 7.72
CA SER A 101 -12.24 9.98 7.68
C SER A 101 -10.92 9.77 6.93
N GLY A 102 -9.96 10.63 7.26
CA GLY A 102 -8.63 10.59 6.71
C GLY A 102 -8.41 11.08 5.30
N LEU A 103 -9.45 11.58 4.65
CA LEU A 103 -9.42 12.10 3.28
C LEU A 103 -9.89 13.56 3.20
N PHE A 104 -9.04 14.45 2.70
CA PHE A 104 -9.37 15.87 2.65
C PHE A 104 -8.90 16.59 1.39
N THR A 105 -9.60 17.67 1.07
CA THR A 105 -9.16 18.64 0.05
C THR A 105 -8.93 20.00 0.71
N GLN A 106 -7.77 20.58 0.42
CA GLN A 106 -7.38 21.89 0.93
C GLN A 106 -7.49 22.97 -0.14
N TYR A 107 -8.26 24.03 0.18
CA TYR A 107 -8.38 25.22 -0.66
C TYR A 107 -7.54 26.32 -0.04
N ASN A 108 -6.67 26.90 -0.86
CA ASN A 108 -5.68 27.86 -0.44
C ASN A 108 -6.20 29.21 -0.90
N ILE A 109 -6.69 30.04 0.04
CA ILE A 109 -7.21 31.39 -0.28
C ILE A 109 -6.20 32.51 0.01
N GLN A 110 -5.74 33.16 -1.06
CA GLN A 110 -4.84 34.30 -1.00
C GLN A 110 -5.45 35.47 -0.22
N LYS A 111 -4.85 35.82 0.92
CA LYS A 111 -5.22 37.00 1.70
C LYS A 111 -4.29 38.18 1.34
N LYS A 112 -4.54 39.35 1.93
CA LYS A 112 -3.75 40.55 1.67
C LYS A 112 -2.34 40.44 2.25
N ALA A 113 -1.43 41.25 1.72
CA ALA A 113 -0.04 41.26 2.17
C ALA A 113 0.02 41.58 3.65
N MET A 114 0.95 40.92 4.34
CA MET A 114 1.24 41.24 5.72
C MET A 114 2.73 41.09 5.94
N THR A 115 3.21 41.63 7.05
CA THR A 115 4.61 41.56 7.43
C THR A 115 4.85 40.35 8.34
N VAL A 116 6.09 39.89 8.46
CA VAL A 116 6.45 38.80 9.38
C VAL A 116 6.03 39.08 10.82
N ARG A 117 6.13 40.35 11.24
CA ARG A 117 5.64 40.81 12.53
C ARG A 117 4.14 40.58 12.67
N GLU A 118 3.37 41.04 11.68
CA GLU A 118 1.91 40.85 11.66
C GLU A 118 1.55 39.35 11.66
N PHE A 119 2.34 38.56 10.94
CA PHE A 119 2.12 37.12 10.88
C PHE A 119 2.42 36.42 12.21
N ARG A 120 3.58 36.71 12.80
CA ARG A 120 3.95 36.11 14.08
C ARG A 120 2.90 36.42 15.18
N LYS A 121 2.27 37.59 15.13
CA LYS A 121 1.30 38.00 16.16
C LYS A 121 0.09 37.08 16.09
N ILE A 122 -0.37 36.81 14.86
CA ILE A 122 -1.50 35.90 14.64
C ILE A 122 -1.08 34.46 15.00
N ALA A 123 0.06 34.03 14.49
CA ALA A 123 0.60 32.68 14.76
C ALA A 123 0.60 32.31 16.24
N ASN A 124 1.08 33.22 17.08
CA ASN A 124 1.25 32.96 18.51
C ASN A 124 0.06 33.41 19.37
N SER A 125 -1.03 33.85 18.76
CA SER A 125 -2.17 34.37 19.51
C SER A 125 -3.01 33.20 19.95
N ASP A 126 -3.85 33.41 20.96
CA ASP A 126 -4.65 32.32 21.55
C ASP A 126 -5.44 31.53 20.50
N LYS A 127 -5.90 32.22 19.47
CA LYS A 127 -6.73 31.66 18.41
C LYS A 127 -5.99 30.64 17.55
N TYR A 128 -4.73 30.92 17.23
CA TYR A 128 -3.99 30.09 16.27
C TYR A 128 -2.81 29.33 16.86
N CYS A 129 -2.44 29.57 18.11
CA CYS A 129 -1.21 28.96 18.64
C CYS A 129 -1.32 27.44 18.81
N THR A 130 -0.16 26.80 18.98
CA THR A 130 -0.03 25.34 19.08
C THR A 130 -0.68 24.86 20.37
N PRO A 131 -1.54 23.84 20.27
CA PRO A 131 -2.15 23.33 21.48
C PRO A 131 -1.16 22.61 22.41
N ARG A 132 -1.51 22.54 23.69
CA ARG A 132 -0.70 21.82 24.68
C ARG A 132 -0.71 20.32 24.41
N TYR A 133 0.47 19.71 24.46
CA TYR A 133 0.60 18.28 24.20
C TYR A 133 1.86 17.71 24.88
N SER A 134 1.93 16.38 24.88
CA SER A 134 2.90 15.65 25.69
C SER A 134 3.88 14.90 24.79
N GLU A 135 3.35 13.94 24.05
CA GLU A 135 4.15 13.17 23.08
C GLU A 135 3.74 13.61 21.67
N PHE A 136 4.64 13.45 20.69
CA PHE A 136 4.37 13.83 19.30
C PHE A 136 3.13 13.13 18.76
N GLU A 137 2.96 11.85 19.11
CA GLU A 137 1.80 11.12 18.68
C GLU A 137 0.50 11.88 19.08
N GLU A 138 0.55 12.61 20.20
CA GLU A 138 -0.60 13.41 20.66
C GLU A 138 -0.86 14.65 19.80
N LEU A 139 0.21 15.37 19.45
CA LEU A 139 0.09 16.53 18.55
C LEU A 139 -0.42 16.07 17.18
N GLU A 140 0.09 14.93 16.70
CA GLU A 140 -0.33 14.35 15.41
C GLU A 140 -1.84 14.04 15.37
N ARG A 141 -2.37 13.37 16.40
CA ARG A 141 -3.81 13.10 16.50
C ARG A 141 -4.66 14.38 16.47
N LYS A 142 -4.22 15.40 17.21
CA LYS A 142 -4.92 16.67 17.25
C LYS A 142 -4.92 17.33 15.86
N TYR A 143 -3.84 17.15 15.10
CA TYR A 143 -3.76 17.66 13.73
C TYR A 143 -4.84 17.01 12.85
N TRP A 144 -4.94 15.69 12.90
CA TRP A 144 -5.88 14.96 12.03
C TRP A 144 -7.32 15.06 12.53
N LYS A 145 -7.47 15.42 13.80
CA LYS A 145 -8.77 15.65 14.41
C LYS A 145 -9.30 17.02 14.07
N ASN A 146 -8.40 17.99 13.94
CA ASN A 146 -8.80 19.37 13.95
C ASN A 146 -8.46 20.16 12.73
N LEU A 147 -7.94 19.53 11.68
CA LEU A 147 -7.43 20.29 10.53
C LEU A 147 -8.49 20.98 9.67
N THR A 148 -9.75 20.57 9.81
CA THR A 148 -10.83 21.17 9.07
C THR A 148 -11.41 22.36 9.83
N PHE A 149 -10.99 22.56 11.09
CA PHE A 149 -11.45 23.68 11.93
C PHE A 149 -10.47 24.83 12.02
N ASN A 150 -11.00 26.03 12.21
CA ASN A 150 -10.22 27.24 12.44
C ASN A 150 -9.06 27.36 11.44
N PRO A 151 -9.39 27.59 10.16
CA PRO A 151 -8.38 27.62 9.07
C PRO A 151 -7.22 28.57 9.32
N PRO A 152 -5.99 28.05 9.33
CA PRO A 152 -4.80 28.87 9.56
C PRO A 152 -4.32 29.62 8.31
N ILE A 153 -3.34 30.50 8.50
CA ILE A 153 -2.69 31.24 7.41
C ILE A 153 -1.27 30.66 7.26
N TYR A 154 -0.90 30.30 6.04
CA TYR A 154 0.48 29.85 5.75
C TYR A 154 1.11 31.00 4.99
N GLY A 155 2.21 31.55 5.49
CA GLY A 155 2.98 32.57 4.76
C GLY A 155 3.91 31.87 3.77
N ALA A 156 3.33 31.33 2.70
CA ALA A 156 4.04 30.45 1.78
C ALA A 156 4.57 31.20 0.53
N ASP A 157 5.47 30.54 -0.22
CA ASP A 157 5.93 31.00 -1.54
C ASP A 157 6.43 32.44 -1.60
N VAL A 158 7.21 32.84 -0.58
CA VAL A 158 7.80 34.17 -0.51
C VAL A 158 9.18 34.11 -1.20
N ASN A 159 9.31 34.85 -2.29
CA ASN A 159 10.57 34.92 -2.99
C ASN A 159 11.60 35.56 -2.08
N GLY A 160 12.73 34.89 -1.87
CA GLY A 160 13.83 35.42 -1.07
C GLY A 160 14.59 34.34 -0.35
N THR A 161 15.62 34.77 0.39
CA THR A 161 16.57 33.89 1.06
C THR A 161 16.99 34.56 2.35
N LEU A 162 17.26 33.76 3.38
CA LEU A 162 17.78 34.26 4.64
C LEU A 162 19.26 33.86 4.84
N TYR A 163 19.86 33.21 3.84
CA TYR A 163 21.33 32.98 3.87
C TYR A 163 22.07 34.31 3.69
N GLU A 164 23.15 34.52 4.45
CA GLU A 164 24.06 35.63 4.20
C GLU A 164 24.86 35.37 2.91
N LYS A 165 25.25 36.46 2.23
CA LYS A 165 25.84 36.42 0.87
C LYS A 165 27.13 35.58 0.73
N HIS A 166 27.92 35.56 1.81
CA HIS A 166 29.19 34.83 1.90
C HIS A 166 29.07 33.33 2.23
N VAL A 167 27.88 32.86 2.59
CA VAL A 167 27.71 31.45 3.01
C VAL A 167 27.85 30.49 1.81
N ASP A 168 28.91 29.69 1.83
CA ASP A 168 29.32 28.91 0.66
C ASP A 168 28.85 27.46 0.73
N GLU A 169 28.47 26.98 1.92
CA GLU A 169 28.04 25.59 2.12
C GLU A 169 26.52 25.47 2.15
N TRP A 170 25.97 24.56 1.32
CA TRP A 170 24.52 24.28 1.24
C TRP A 170 23.67 25.55 1.15
N ASN A 171 24.11 26.54 0.37
CA ASN A 171 23.35 27.76 0.11
C ASN A 171 22.24 27.55 -0.92
N ILE A 172 21.00 27.63 -0.44
CA ILE A 172 19.81 27.33 -1.24
C ILE A 172 19.68 28.28 -2.44
N GLY A 173 20.26 29.47 -2.32
CA GLY A 173 20.38 30.40 -3.43
C GLY A 173 21.30 29.94 -4.56
N ARG A 174 22.27 29.09 -4.24
CA ARG A 174 23.27 28.61 -5.21
C ARG A 174 23.92 27.27 -4.81
N LEU A 175 23.18 26.18 -5.05
CA LEU A 175 23.65 24.84 -4.66
C LEU A 175 24.64 24.25 -5.71
N ARG A 176 24.63 24.79 -6.92
CA ARG A 176 25.56 24.42 -7.99
C ARG A 176 25.32 22.99 -8.48
N THR A 177 24.06 22.65 -8.74
CA THR A 177 23.71 21.35 -9.32
C THR A 177 23.42 21.54 -10.80
N ILE A 178 23.20 20.43 -11.50
CA ILE A 178 22.94 20.49 -12.93
C ILE A 178 21.60 21.14 -13.29
N LEU A 179 20.67 21.34 -12.33
CA LEU A 179 19.45 22.13 -12.59
C LEU A 179 19.79 23.52 -13.17
N ASP A 180 20.95 24.04 -12.80
CA ASP A 180 21.48 25.32 -13.33
C ASP A 180 21.58 25.39 -14.85
N LEU A 181 21.62 24.24 -15.51
CA LEU A 181 21.55 24.19 -16.97
C LEU A 181 20.32 24.84 -17.55
N VAL A 182 19.20 24.90 -16.81
CA VAL A 182 18.00 25.53 -17.35
C VAL A 182 18.29 27.01 -17.62
N GLU A 183 18.64 27.74 -16.56
CA GLU A 183 19.02 29.15 -16.70
C GLU A 183 20.28 29.33 -17.56
N LYS A 184 21.28 28.47 -17.43
CA LYS A 184 22.53 28.71 -18.17
C LYS A 184 22.27 28.67 -19.69
N GLU A 185 21.42 27.78 -20.17
CA GLU A 185 21.26 27.61 -21.63
C GLU A 185 20.11 28.41 -22.24
N SER A 186 19.02 28.56 -21.48
CA SER A 186 17.80 29.22 -21.99
C SER A 186 17.56 30.62 -21.41
N GLY A 187 18.09 30.87 -20.20
CA GLY A 187 17.83 32.09 -19.45
C GLY A 187 16.54 32.05 -18.65
N ILE A 188 15.91 30.88 -18.58
CA ILE A 188 14.63 30.72 -17.88
C ILE A 188 14.73 30.60 -16.34
N THR A 189 14.01 31.48 -15.65
CA THR A 189 13.88 31.47 -14.21
C THR A 189 12.49 30.94 -13.88
N ILE A 190 12.42 29.94 -13.02
CA ILE A 190 11.16 29.44 -12.48
C ILE A 190 11.25 29.67 -10.98
N GLU A 191 10.56 30.70 -10.49
CA GLU A 191 10.56 31.08 -9.08
C GLU A 191 10.17 29.90 -8.24
N GLY A 192 10.96 29.63 -7.20
CA GLY A 192 10.77 28.51 -6.30
C GLY A 192 11.51 27.23 -6.69
N VAL A 193 11.74 27.05 -8.00
CA VAL A 193 12.27 25.84 -8.61
C VAL A 193 13.78 26.02 -8.82
N ASN A 194 14.21 27.06 -9.51
CA ASN A 194 15.65 27.43 -9.59
C ASN A 194 15.93 28.76 -8.91
N THR A 195 14.99 29.20 -8.06
CA THR A 195 15.25 30.29 -7.08
C THR A 195 14.65 29.86 -5.75
N PRO A 196 15.07 30.51 -4.64
CA PRO A 196 14.57 30.13 -3.32
C PRO A 196 13.23 30.75 -2.91
N TYR A 197 12.46 29.98 -2.13
CA TYR A 197 11.25 30.45 -1.42
C TYR A 197 11.43 30.40 0.09
N LEU A 198 10.85 31.38 0.78
CA LEU A 198 10.68 31.32 2.24
C LEU A 198 9.24 30.94 2.56
N TYR A 199 9.05 30.19 3.64
CA TYR A 199 7.73 29.78 4.13
C TYR A 199 7.61 30.10 5.62
N PHE A 200 6.65 30.93 6.00
CA PHE A 200 6.38 31.22 7.39
C PHE A 200 5.13 30.45 7.79
N GLY A 201 5.32 29.53 8.74
CA GLY A 201 4.27 28.61 9.15
C GLY A 201 3.69 29.02 10.49
N MET A 202 2.45 28.58 10.71
CA MET A 202 1.86 28.55 12.04
C MET A 202 1.31 27.13 12.26
N TRP A 203 0.74 26.92 13.44
CA TRP A 203 0.16 25.63 13.81
C TRP A 203 -0.90 25.15 12.80
N LYS A 204 -0.78 23.90 12.39
CA LYS A 204 -1.82 23.22 11.61
C LYS A 204 -1.78 23.69 10.13
N THR A 205 -0.76 24.47 9.73
CA THR A 205 -0.51 24.75 8.31
C THR A 205 0.08 23.50 7.65
N SER A 206 -0.37 23.24 6.43
CA SER A 206 -0.21 21.93 5.82
C SER A 206 0.36 22.04 4.40
N PHE A 207 1.17 21.06 4.03
CA PHE A 207 1.48 20.75 2.63
C PHE A 207 0.89 19.41 2.28
N ALA A 208 0.08 19.42 1.22
CA ALA A 208 -0.59 18.26 0.63
C ALA A 208 0.34 17.24 -0.04
N TRP A 209 -0.14 16.01 -0.25
CA TRP A 209 0.66 14.95 -0.91
C TRP A 209 1.07 15.38 -2.32
N HIS A 210 2.36 15.24 -2.61
CA HIS A 210 2.94 15.70 -3.83
C HIS A 210 4.39 15.22 -4.01
N THR A 211 4.77 15.13 -5.27
CA THR A 211 6.16 15.15 -5.66
C THR A 211 6.48 16.56 -6.19
N GLU A 212 7.75 16.81 -6.45
CA GLU A 212 8.16 18.12 -6.94
C GLU A 212 7.84 18.33 -8.39
N ASP A 213 7.80 19.60 -8.79
CA ASP A 213 7.64 19.92 -10.20
C ASP A 213 8.72 19.19 -10.99
N MET A 214 8.31 18.58 -12.09
CA MET A 214 9.15 17.73 -12.94
C MET A 214 9.77 16.56 -12.22
N ASP A 215 9.23 16.17 -11.07
CA ASP A 215 9.81 15.14 -10.21
C ASP A 215 11.26 15.35 -9.80
N LEU A 216 11.62 16.61 -9.54
CA LEU A 216 12.94 16.98 -9.09
C LEU A 216 13.13 16.59 -7.62
N TYR A 217 14.35 16.82 -7.13
CA TYR A 217 14.66 16.82 -5.71
C TYR A 217 14.28 18.16 -5.10
N SER A 218 14.06 18.18 -3.81
CA SER A 218 13.97 19.43 -3.07
C SER A 218 14.90 19.39 -1.88
N ILE A 219 15.24 20.60 -1.43
CA ILE A 219 15.95 20.84 -0.18
C ILE A 219 15.10 21.82 0.64
N ASN A 220 15.02 21.59 1.94
CA ASN A 220 14.25 22.43 2.86
C ASN A 220 15.11 22.63 4.11
N TYR A 221 15.43 23.89 4.45
CA TYR A 221 16.13 24.21 5.70
C TYR A 221 15.20 24.94 6.66
N LEU A 222 15.07 24.41 7.88
CA LEU A 222 14.24 25.03 8.91
C LEU A 222 15.09 26.04 9.68
N HIS A 223 14.94 27.31 9.30
CA HIS A 223 15.75 28.42 9.86
C HIS A 223 15.51 28.65 11.33
N PHE A 224 14.25 28.55 11.74
CA PHE A 224 13.88 28.73 13.14
C PHE A 224 12.43 28.38 13.37
N GLY A 225 12.06 28.30 14.64
CA GLY A 225 10.69 28.13 15.07
C GLY A 225 10.40 26.72 15.54
N GLU A 226 9.12 26.39 15.59
CA GLU A 226 8.66 25.05 15.97
C GLU A 226 8.85 24.08 14.79
N PRO A 227 8.79 22.77 15.07
CA PRO A 227 9.10 21.80 14.03
C PRO A 227 8.11 21.74 12.86
N LYS A 228 8.58 21.07 11.81
CA LYS A 228 7.79 20.67 10.64
C LYS A 228 7.83 19.15 10.60
N SER A 229 6.66 18.52 10.57
CA SER A 229 6.55 17.06 10.44
C SER A 229 6.18 16.60 9.01
N TRP A 230 6.77 15.48 8.62
CA TRP A 230 6.75 15.02 7.25
C TRP A 230 6.25 13.60 7.25
N TYR A 231 5.53 13.27 6.19
CA TYR A 231 5.22 11.91 5.80
C TYR A 231 5.84 11.73 4.42
N SER A 232 6.24 10.51 4.10
CA SER A 232 6.92 10.19 2.86
C SER A 232 6.55 8.77 2.41
N VAL A 233 6.22 8.60 1.14
CA VAL A 233 6.09 7.31 0.54
C VAL A 233 7.36 7.05 -0.33
N PRO A 234 7.94 5.84 -0.21
CA PRO A 234 9.04 5.52 -1.11
C PRO A 234 8.70 5.65 -2.60
N PRO A 235 9.61 6.26 -3.40
CA PRO A 235 9.43 6.34 -4.86
C PRO A 235 9.00 5.03 -5.53
N GLU A 236 9.48 3.90 -5.01
CA GLU A 236 9.10 2.57 -5.54
C GLU A 236 7.64 2.13 -5.24
N HIS A 237 6.97 2.80 -4.30
CA HIS A 237 5.54 2.56 -4.09
C HIS A 237 4.70 3.75 -4.46
N GLY A 238 5.32 4.71 -5.16
CA GLY A 238 4.66 5.95 -5.56
C GLY A 238 3.41 5.76 -6.40
N LYS A 239 3.53 4.94 -7.45
CA LYS A 239 2.39 4.59 -8.32
C LYS A 239 1.24 4.00 -7.53
N ARG A 240 1.54 3.21 -6.52
CA ARG A 240 0.54 2.63 -5.61
C ARG A 240 -0.28 3.70 -4.86
N LEU A 241 0.40 4.73 -4.38
CA LEU A 241 -0.26 5.86 -3.79
C LEU A 241 -1.14 6.62 -4.80
N GLU A 242 -0.68 6.76 -6.04
CA GLU A 242 -1.50 7.41 -7.08
C GLU A 242 -2.76 6.60 -7.42
N ARG A 243 -2.62 5.29 -7.53
CA ARG A 243 -3.75 4.43 -7.82
C ARG A 243 -4.83 4.57 -6.74
N LEU A 244 -4.38 4.65 -5.48
CA LEU A 244 -5.26 4.80 -4.33
C LEU A 244 -5.92 6.18 -4.28
N ALA A 245 -5.12 7.22 -4.45
CA ALA A 245 -5.62 8.57 -4.58
C ALA A 245 -6.70 8.70 -5.68
N LYS A 246 -6.43 8.14 -6.86
CA LYS A 246 -7.39 8.13 -7.98
C LYS A 246 -8.74 7.50 -7.57
N GLY A 247 -8.69 6.43 -6.80
CA GLY A 247 -9.90 5.79 -6.29
C GLY A 247 -10.67 6.58 -5.24
N PHE A 248 -9.98 7.28 -4.36
CA PHE A 248 -10.65 8.10 -3.35
C PHE A 248 -11.26 9.37 -3.93
N PHE A 249 -10.62 9.93 -4.96
CA PHE A 249 -11.09 11.17 -5.61
C PHE A 249 -11.26 10.94 -7.12
N PRO A 250 -12.23 10.11 -7.51
CA PRO A 250 -12.35 9.71 -8.94
C PRO A 250 -12.74 10.85 -9.90
N GLY A 251 -13.44 11.86 -9.41
CA GLY A 251 -13.76 13.02 -10.25
C GLY A 251 -12.53 13.85 -10.61
N SER A 252 -11.72 14.15 -9.60
CA SER A 252 -10.47 14.89 -9.80
C SER A 252 -9.54 14.14 -10.75
N ALA A 253 -9.50 12.81 -10.61
CA ALA A 253 -8.65 11.98 -11.45
C ALA A 253 -9.17 11.94 -12.89
N GLN A 254 -10.48 11.79 -13.08
CA GLN A 254 -11.08 11.71 -14.44
C GLN A 254 -10.86 13.00 -15.24
N SER A 255 -10.61 14.12 -14.56
CA SER A 255 -10.46 15.42 -15.21
C SER A 255 -9.03 15.98 -15.19
N CYS A 256 -8.12 15.32 -14.47
CA CYS A 256 -6.68 15.57 -14.65
C CYS A 256 -5.85 14.37 -14.18
N GLU A 257 -5.12 13.76 -15.11
CA GLU A 257 -4.20 12.65 -14.75
C GLU A 257 -3.38 12.99 -13.51
N ALA A 258 -2.68 14.12 -13.56
CA ALA A 258 -1.79 14.50 -12.47
C ALA A 258 -2.44 15.41 -11.40
N PHE A 259 -3.65 15.10 -10.93
CA PHE A 259 -4.37 16.00 -9.96
C PHE A 259 -3.67 16.16 -8.60
N LEU A 260 -2.84 15.19 -8.21
CA LEU A 260 -2.04 15.36 -7.01
C LEU A 260 -1.09 16.55 -7.16
N ARG A 261 -0.76 16.91 -8.39
CA ARG A 261 0.07 18.13 -8.62
C ARG A 261 -0.63 19.42 -8.28
N HIS A 262 -1.95 19.38 -8.14
CA HIS A 262 -2.65 20.56 -7.69
C HIS A 262 -2.36 20.90 -6.26
N LYS A 263 -1.81 19.94 -5.52
CA LYS A 263 -1.40 20.13 -4.12
C LYS A 263 -2.57 20.49 -3.19
N MET A 264 -3.70 19.82 -3.42
CA MET A 264 -4.93 20.00 -2.62
C MET A 264 -5.38 18.80 -1.82
N THR A 265 -4.64 17.70 -1.92
CA THR A 265 -5.11 16.41 -1.47
C THR A 265 -4.37 15.99 -0.24
N LEU A 266 -5.09 15.80 0.86
CA LEU A 266 -4.49 15.38 2.14
C LEU A 266 -5.05 13.99 2.47
N ILE A 267 -4.18 13.07 2.90
CA ILE A 267 -4.57 11.69 3.23
C ILE A 267 -3.84 11.36 4.52
N SER A 268 -4.57 10.95 5.57
CA SER A 268 -3.91 10.58 6.84
C SER A 268 -3.07 9.27 6.74
N PRO A 269 -2.08 9.13 7.64
CA PRO A 269 -1.33 7.89 7.70
C PRO A 269 -2.18 6.67 8.11
N LEU A 270 -3.23 6.88 8.91
CA LEU A 270 -4.17 5.78 9.21
C LEU A 270 -4.84 5.26 7.93
N MET A 271 -5.14 6.15 6.99
CA MET A 271 -5.72 5.72 5.71
C MET A 271 -4.72 5.00 4.86
N LEU A 272 -3.49 5.48 4.87
CA LEU A 272 -2.39 4.81 4.16
C LEU A 272 -2.14 3.41 4.72
N LYS A 273 -2.13 3.29 6.04
CA LYS A 273 -2.03 2.00 6.71
C LYS A 273 -3.17 1.08 6.28
N LYS A 274 -4.40 1.61 6.29
CA LYS A 274 -5.60 0.81 6.02
C LYS A 274 -5.55 0.19 4.61
N TYR A 275 -4.86 0.83 3.68
CA TYR A 275 -4.78 0.34 2.31
C TYR A 275 -3.36 -0.06 1.87
N GLY A 276 -2.49 -0.30 2.84
CA GLY A 276 -1.20 -0.96 2.60
C GLY A 276 -0.13 -0.17 1.87
N ILE A 277 -0.17 1.16 1.96
CA ILE A 277 0.84 2.01 1.33
C ILE A 277 1.97 2.18 2.35
N PRO A 278 3.18 1.71 2.02
CA PRO A 278 4.33 1.98 2.89
C PRO A 278 4.62 3.46 2.88
N PHE A 279 4.93 3.96 4.06
CA PHE A 279 5.28 5.34 4.29
C PHE A 279 6.17 5.40 5.53
N ASP A 280 6.84 6.53 5.71
CA ASP A 280 7.60 6.79 6.94
C ASP A 280 7.21 8.18 7.46
N LYS A 281 7.57 8.46 8.70
CA LYS A 281 7.32 9.76 9.34
C LYS A 281 8.64 10.32 9.86
N VAL A 282 8.77 11.63 9.83
CA VAL A 282 9.92 12.29 10.40
C VAL A 282 9.57 13.71 10.78
N THR A 283 10.09 14.16 11.93
CA THR A 283 9.96 15.55 12.38
C THR A 283 11.29 16.30 12.17
N GLN A 284 11.24 17.38 11.39
CA GLN A 284 12.37 18.30 11.19
C GLN A 284 12.37 19.41 12.28
N GLU A 285 13.53 19.66 12.86
CA GLU A 285 13.67 20.66 13.91
C GLU A 285 14.39 21.87 13.37
N ALA A 286 14.35 23.00 14.08
CA ALA A 286 15.09 24.19 13.67
C ALA A 286 16.56 23.81 13.50
N GLY A 287 17.18 24.24 12.41
CA GLY A 287 18.58 23.93 12.14
C GLY A 287 18.83 22.68 11.31
N GLU A 288 17.78 21.94 10.97
CA GLU A 288 17.91 20.72 10.18
C GLU A 288 17.44 20.89 8.70
N PHE A 289 18.18 20.26 7.77
CA PHE A 289 17.77 20.15 6.36
C PHE A 289 16.94 18.91 6.15
N MET A 290 15.98 18.98 5.25
CA MET A 290 15.36 17.79 4.67
C MET A 290 15.68 17.78 3.18
N ILE A 291 15.94 16.59 2.66
CA ILE A 291 16.07 16.34 1.22
C ILE A 291 14.92 15.42 0.78
N THR A 292 14.22 15.81 -0.27
CA THR A 292 13.27 14.94 -0.95
C THR A 292 13.88 14.53 -2.30
N PHE A 293 13.57 13.31 -2.70
CA PHE A 293 14.14 12.63 -3.85
C PHE A 293 13.12 12.50 -4.98
N PRO A 294 13.60 12.38 -6.24
CA PRO A 294 12.65 12.29 -7.36
C PRO A 294 11.54 11.27 -7.17
N TYR A 295 10.31 11.74 -7.38
CA TYR A 295 9.11 10.89 -7.29
C TYR A 295 8.83 10.37 -5.86
N GLY A 296 9.44 11.02 -4.89
CA GLY A 296 9.15 10.75 -3.51
C GLY A 296 8.00 11.61 -3.04
N TYR A 297 6.80 11.00 -2.95
CA TYR A 297 5.62 11.67 -2.43
C TYR A 297 5.80 12.00 -0.97
N HIS A 298 5.47 13.24 -0.64
CA HIS A 298 5.51 13.72 0.73
C HIS A 298 4.39 14.72 1.02
N ALA A 299 4.14 14.86 2.31
CA ALA A 299 3.07 15.66 2.85
C ALA A 299 3.48 15.96 4.30
N GLY A 300 2.79 16.91 4.91
CA GLY A 300 3.06 17.22 6.31
C GLY A 300 2.41 18.48 6.84
N PHE A 301 2.90 18.93 8.00
CA PHE A 301 2.35 20.11 8.66
C PHE A 301 3.39 20.74 9.60
N ASN A 302 3.17 22.01 9.88
CA ASN A 302 3.95 22.75 10.87
C ASN A 302 3.31 22.74 12.25
N HIS A 303 4.18 22.68 13.28
CA HIS A 303 3.80 22.61 14.68
C HIS A 303 3.42 23.99 15.25
N GLY A 304 4.05 25.03 14.73
CA GLY A 304 3.78 26.38 15.18
C GLY A 304 4.52 27.42 14.37
N PHE A 305 4.72 28.58 14.97
CA PHE A 305 5.42 29.65 14.27
C PHE A 305 6.85 29.22 13.87
N ASN A 306 7.10 29.16 12.58
CA ASN A 306 8.45 28.85 12.10
C ASN A 306 8.74 29.48 10.76
N CYS A 307 9.98 29.31 10.30
CA CYS A 307 10.39 29.81 9.00
C CYS A 307 11.29 28.81 8.29
N ALA A 308 10.90 28.38 7.09
CA ALA A 308 11.69 27.45 6.26
C ALA A 308 12.07 28.04 4.91
N GLU A 309 13.17 27.56 4.35
CA GLU A 309 13.64 27.97 3.03
C GLU A 309 13.75 26.73 2.15
N SER A 310 13.32 26.85 0.89
CA SER A 310 13.29 25.71 0.00
C SER A 310 13.62 26.07 -1.45
N THR A 311 14.18 25.11 -2.15
CA THR A 311 14.26 25.15 -3.62
C THR A 311 14.38 23.71 -4.13
N ASN A 312 14.36 23.55 -5.45
CA ASN A 312 14.57 22.27 -6.09
C ASN A 312 15.99 22.18 -6.60
N PHE A 313 16.44 20.96 -6.88
CA PHE A 313 17.72 20.75 -7.54
C PHE A 313 17.69 19.41 -8.26
N ALA A 314 18.78 19.08 -8.94
CA ALA A 314 18.89 17.89 -9.77
C ALA A 314 20.23 17.20 -9.56
N THR A 315 20.24 15.90 -9.87
CA THR A 315 21.45 15.12 -10.10
C THR A 315 21.30 14.46 -11.47
N ARG A 316 22.28 13.69 -11.93
CA ARG A 316 22.15 13.02 -13.24
C ARG A 316 21.04 11.99 -13.24
N ARG A 317 20.81 11.35 -12.10
CA ARG A 317 19.70 10.40 -11.94
C ARG A 317 18.34 11.02 -12.29
N TRP A 318 18.17 12.32 -12.00
CA TRP A 318 16.90 13.01 -12.18
C TRP A 318 16.49 13.05 -13.66
N ILE A 319 17.44 13.04 -14.58
CA ILE A 319 17.12 13.30 -15.99
C ILE A 319 16.04 12.34 -16.51
N GLU A 320 16.10 11.08 -16.14
CA GLU A 320 15.13 10.08 -16.61
C GLU A 320 13.75 10.31 -15.96
N TYR A 321 13.74 10.66 -14.68
CA TYR A 321 12.54 11.09 -13.98
C TYR A 321 11.87 12.29 -14.66
N GLY A 322 12.68 13.27 -15.08
CA GLY A 322 12.21 14.41 -15.80
C GLY A 322 11.62 14.12 -17.17
N LYS A 323 12.26 13.23 -17.93
CA LYS A 323 11.72 12.73 -19.19
C LYS A 323 10.39 12.05 -19.05
N GLN A 324 10.15 11.39 -17.92
CA GLN A 324 8.95 10.58 -17.71
C GLN A 324 7.89 11.20 -16.80
N ALA A 325 8.17 12.38 -16.23
CA ALA A 325 7.23 13.05 -15.32
C ALA A 325 5.86 13.22 -15.94
N VAL A 326 4.80 12.73 -15.27
CA VAL A 326 3.45 13.00 -15.71
C VAL A 326 3.02 14.37 -15.18
N LEU A 327 2.68 15.28 -16.09
CA LEU A 327 2.44 16.68 -15.74
C LEU A 327 0.97 17.07 -15.74
N CYS A 328 0.66 18.10 -14.94
CA CYS A 328 -0.65 18.70 -14.97
C CYS A 328 -0.79 19.51 -16.24
N SER A 329 -1.88 19.23 -16.93
CA SER A 329 -2.29 19.90 -18.18
C SER A 329 -3.47 20.89 -18.01
N CYS A 330 -4.29 20.71 -16.96
CA CYS A 330 -5.57 21.42 -16.81
C CYS A 330 -5.47 22.84 -16.25
N ARG A 331 -4.30 23.25 -15.82
CA ARG A 331 -4.12 24.59 -15.32
C ARG A 331 -3.11 25.25 -16.24
N LYS A 332 -3.25 26.56 -16.43
CA LYS A 332 -2.38 27.30 -17.35
C LYS A 332 -1.02 27.57 -16.71
N ASP A 333 0.02 27.57 -17.53
CA ASP A 333 1.33 28.00 -17.08
C ASP A 333 1.83 27.24 -15.83
N MET A 334 1.68 25.90 -15.85
CA MET A 334 2.24 25.05 -14.79
C MET A 334 3.68 24.77 -15.13
N VAL A 335 4.47 24.35 -14.15
CA VAL A 335 5.91 24.20 -14.34
C VAL A 335 6.29 23.01 -15.23
N LYS A 336 6.92 23.35 -16.34
CA LYS A 336 7.35 22.41 -17.34
C LYS A 336 8.75 22.85 -17.78
N ILE A 337 9.73 21.94 -17.68
CA ILE A 337 11.12 22.16 -18.12
C ILE A 337 11.43 21.40 -19.42
N SER A 338 11.99 22.07 -20.43
CA SER A 338 12.56 21.40 -21.61
C SER A 338 13.72 20.46 -21.23
N MET A 339 13.52 19.16 -21.47
CA MET A 339 14.53 18.15 -21.15
C MET A 339 15.63 18.03 -22.21
N ASP A 340 15.37 18.61 -23.36
CA ASP A 340 16.27 18.57 -24.52
C ASP A 340 17.73 18.82 -24.19
N VAL A 341 17.98 19.87 -23.41
CA VAL A 341 19.35 20.24 -23.06
C VAL A 341 20.03 19.11 -22.30
N PHE A 342 19.28 18.46 -21.43
CA PHE A 342 19.82 17.45 -20.51
C PHE A 342 20.06 16.11 -21.21
N VAL A 343 19.14 15.71 -22.09
CA VAL A 343 19.34 14.50 -22.89
C VAL A 343 20.52 14.65 -23.83
N ARG A 344 20.66 15.80 -24.50
CA ARG A 344 21.81 16.02 -25.39
C ARG A 344 23.16 15.87 -24.67
N LYS A 345 23.28 16.54 -23.53
CA LYS A 345 24.53 16.57 -22.76
C LYS A 345 24.88 15.25 -22.03
N PHE A 346 23.91 14.67 -21.34
CA PHE A 346 24.22 13.52 -20.49
C PHE A 346 23.74 12.17 -21.04
N GLN A 347 22.91 12.17 -22.09
CA GLN A 347 22.49 10.93 -22.74
C GLN A 347 22.49 11.05 -24.27
N PRO A 348 23.63 11.44 -24.87
CA PRO A 348 23.73 11.62 -26.33
C PRO A 348 23.47 10.37 -27.16
N GLU A 349 23.72 9.21 -26.57
CA GLU A 349 23.41 7.92 -27.20
C GLU A 349 21.90 7.72 -27.39
N ARG A 350 21.10 8.27 -26.48
CA ARG A 350 19.64 8.05 -26.51
C ARG A 350 18.85 9.22 -27.10
N TYR A 351 19.52 10.29 -27.53
CA TYR A 351 18.84 11.54 -27.95
C TYR A 351 17.93 11.39 -29.20
N LYS A 352 18.44 10.75 -30.26
CA LYS A 352 17.66 10.50 -31.46
C LYS A 352 16.47 9.60 -31.14
N LEU A 353 16.71 8.49 -30.43
CA LEU A 353 15.65 7.56 -29.98
C LEU A 353 14.57 8.29 -29.18
N TRP A 354 15.00 9.14 -28.25
CA TRP A 354 14.10 9.90 -27.39
C TRP A 354 13.25 10.87 -28.18
N LYS A 355 13.89 11.50 -29.18
CA LYS A 355 13.26 12.52 -30.00
C LYS A 355 12.25 11.88 -30.97
N ALA A 356 12.54 10.66 -31.42
CA ALA A 356 11.57 9.85 -32.15
C ALA A 356 10.40 9.35 -31.25
N GLY A 357 10.53 9.49 -29.94
CA GLY A 357 9.52 8.98 -28.98
C GLY A 357 9.62 7.47 -28.76
N LYS A 358 10.83 6.93 -28.90
CA LYS A 358 11.07 5.49 -28.84
C LYS A 358 11.95 5.06 -27.65
N ASP A 359 12.34 6.02 -26.80
CA ASP A 359 13.12 5.75 -25.60
C ASP A 359 12.24 5.13 -24.50
N ASN A 360 12.30 3.80 -24.42
CA ASN A 360 11.44 3.00 -23.53
C ASN A 360 12.09 2.66 -22.18
N THR A 361 13.02 3.49 -21.71
CA THR A 361 13.78 3.22 -20.49
C THR A 361 12.87 3.07 -19.26
N VAL A 362 13.11 2.03 -18.49
CA VAL A 362 12.35 1.76 -17.27
C VAL A 362 13.15 2.27 -16.09
N ILE A 363 12.55 3.10 -15.25
CA ILE A 363 13.26 3.61 -14.08
C ILE A 363 13.35 2.54 -13.00
N ASP A 364 14.57 2.33 -12.49
CA ASP A 364 14.80 1.54 -11.27
C ASP A 364 15.05 2.51 -10.12
N HIS A 365 14.06 2.60 -9.23
CA HIS A 365 14.06 3.59 -8.14
C HIS A 365 15.07 3.26 -7.05
N THR A 366 15.64 2.06 -7.08
CA THR A 366 16.62 1.66 -6.09
C THR A 366 18.02 2.15 -6.45
N LEU A 367 18.30 2.33 -7.74
CA LEU A 367 19.65 2.70 -8.18
C LEU A 367 20.01 4.10 -7.73
N PRO A 368 21.24 4.30 -7.20
CA PRO A 368 21.72 5.63 -6.86
C PRO A 368 22.23 6.44 -8.07
N THR A 369 22.40 7.73 -7.89
CA THR A 369 22.85 8.58 -8.98
C THR A 369 24.27 8.14 -9.42
N PRO A 370 24.58 8.21 -10.73
CA PRO A 370 25.91 7.85 -11.26
C PRO A 370 27.11 8.44 -10.48
N GLU A 371 26.96 9.69 -10.00
CA GLU A 371 28.00 10.41 -9.21
C GLU A 371 28.39 9.71 -7.89
N ALA A 372 27.53 8.81 -7.42
CA ALA A 372 27.81 7.99 -6.21
C ALA A 372 28.93 6.95 -6.38
N ALA A 373 29.31 6.65 -7.63
CA ALA A 373 30.37 5.67 -7.95
C ALA A 373 31.65 5.85 -7.14
N GLU A 374 32.11 7.10 -7.03
CA GLU A 374 33.20 7.48 -6.12
C GLU A 374 33.15 6.80 -4.73
N PHE A 375 31.94 6.70 -4.17
CA PHE A 375 31.72 6.17 -2.82
C PHE A 375 31.46 4.66 -2.75
N LEU A 376 31.23 4.04 -3.92
CA LEU A 376 30.95 2.61 -3.99
C LEU A 376 32.13 1.81 -4.57
N LYS A 377 33.21 2.50 -4.97
CA LYS A 377 34.43 1.83 -5.47
C LYS A 377 35.24 1.21 -4.34
N THR B 29 -20.91 3.39 1.15
CA THR B 29 -20.09 4.47 1.81
C THR B 29 -18.84 3.86 2.49
N LEU B 30 -18.95 2.63 2.98
CA LEU B 30 -17.82 1.95 3.62
C LEU B 30 -16.96 1.24 2.54
N ASN B 31 -15.72 1.70 2.33
CA ASN B 31 -14.80 1.18 1.27
C ASN B 31 -15.41 1.21 -0.16
N PRO B 32 -15.75 2.41 -0.66
CA PRO B 32 -16.47 2.47 -1.94
C PRO B 32 -15.62 2.01 -3.14
N SER B 33 -14.30 2.02 -2.97
CA SER B 33 -13.39 1.52 -4.00
C SER B 33 -13.27 0.01 -3.94
N ALA B 34 -13.74 -0.60 -2.84
CA ALA B 34 -13.74 -2.06 -2.70
C ALA B 34 -12.32 -2.61 -2.88
N ARG B 35 -11.35 -1.90 -2.30
CA ARG B 35 -9.96 -2.32 -2.31
C ARG B 35 -9.65 -3.11 -1.03
N ILE B 36 -8.62 -3.93 -1.10
CA ILE B 36 -8.25 -4.83 -0.01
C ILE B 36 -7.70 -3.99 1.12
N MET B 37 -8.22 -4.21 2.33
CA MET B 37 -7.80 -3.43 3.50
C MET B 37 -6.93 -4.26 4.43
N THR B 38 -6.07 -3.55 5.16
CA THR B 38 -5.16 -4.13 6.12
C THR B 38 -5.41 -3.51 7.49
N PHE B 39 -5.53 -4.38 8.49
CA PHE B 39 -5.84 -3.98 9.86
C PHE B 39 -4.73 -4.42 10.78
N TYR B 40 -4.51 -3.60 11.82
CA TYR B 40 -3.46 -3.83 12.80
C TYR B 40 -4.06 -3.86 14.22
N PRO B 41 -4.83 -4.89 14.55
CA PRO B 41 -5.48 -4.92 15.85
C PRO B 41 -4.50 -4.81 17.02
N THR B 42 -4.96 -4.20 18.11
CA THR B 42 -4.23 -4.24 19.38
C THR B 42 -4.48 -5.61 20.00
N MET B 43 -3.66 -6.00 20.98
CA MET B 43 -3.86 -7.26 21.68
C MET B 43 -5.27 -7.37 22.28
N GLU B 44 -5.75 -6.27 22.86
CA GLU B 44 -7.08 -6.20 23.44
C GLU B 44 -8.15 -6.45 22.35
N GLU B 45 -8.10 -5.72 21.23
CA GLU B 45 -9.03 -5.94 20.09
C GLU B 45 -8.90 -7.32 19.42
N PHE B 46 -7.74 -7.94 19.54
CA PHE B 46 -7.41 -9.20 18.86
C PHE B 46 -8.01 -10.41 19.57
N ARG B 47 -8.13 -10.33 20.88
CA ARG B 47 -8.57 -11.46 21.69
C ARG B 47 -9.92 -12.00 21.27
N ASN B 48 -10.87 -11.14 20.92
CA ASN B 48 -12.17 -11.61 20.45
C ASN B 48 -12.25 -11.70 18.92
N PHE B 49 -12.24 -12.93 18.38
CA PHE B 49 -12.13 -13.16 16.94
C PHE B 49 -13.37 -12.71 16.16
N SER B 50 -14.51 -13.26 16.53
CA SER B 50 -15.77 -12.96 15.83
C SER B 50 -16.07 -11.46 15.91
N ARG B 51 -15.77 -10.87 17.06
CA ARG B 51 -15.97 -9.45 17.29
C ARG B 51 -15.09 -8.61 16.32
N TYR B 52 -13.84 -9.04 16.11
CA TYR B 52 -12.96 -8.32 15.21
C TYR B 52 -13.40 -8.45 13.75
N ILE B 53 -13.98 -9.59 13.38
CA ILE B 53 -14.53 -9.76 12.05
C ILE B 53 -15.74 -8.83 11.84
N ALA B 54 -16.60 -8.72 12.84
CA ALA B 54 -17.69 -7.78 12.78
C ALA B 54 -17.13 -6.36 12.67
N TYR B 55 -16.02 -6.06 13.36
CA TYR B 55 -15.35 -4.76 13.22
C TYR B 55 -14.77 -4.47 11.83
N ILE B 56 -14.00 -5.39 11.28
CA ILE B 56 -13.39 -5.11 9.96
C ILE B 56 -14.51 -4.96 8.90
N GLU B 57 -15.63 -5.65 9.07
CA GLU B 57 -16.77 -5.47 8.19
C GLU B 57 -17.48 -4.13 8.39
N SER B 58 -17.51 -3.62 9.62
CA SER B 58 -18.02 -2.24 9.86
C SER B 58 -17.17 -1.17 9.14
N GLN B 59 -15.94 -1.52 8.80
CA GLN B 59 -15.05 -0.69 7.97
C GLN B 59 -15.17 -0.95 6.45
N GLY B 60 -16.02 -1.90 6.06
CA GLY B 60 -16.25 -2.22 4.65
C GLY B 60 -15.25 -3.18 4.05
N ALA B 61 -14.44 -3.83 4.88
CA ALA B 61 -13.40 -4.75 4.42
C ALA B 61 -13.93 -5.90 3.55
N HIS B 62 -15.09 -6.43 3.92
CA HIS B 62 -15.76 -7.47 3.11
C HIS B 62 -16.02 -7.15 1.64
N ARG B 63 -16.12 -5.87 1.29
CA ARG B 63 -16.45 -5.50 -0.09
C ARG B 63 -15.38 -5.87 -1.11
N ALA B 64 -14.14 -5.99 -0.64
CA ALA B 64 -13.03 -6.41 -1.48
C ALA B 64 -13.04 -7.92 -1.71
N GLY B 65 -13.61 -8.65 -0.77
CA GLY B 65 -13.65 -10.11 -0.81
C GLY B 65 -12.49 -10.74 -0.07
N LEU B 66 -11.49 -9.94 0.29
CA LEU B 66 -10.26 -10.38 0.92
C LEU B 66 -9.72 -9.24 1.79
N ALA B 67 -9.26 -9.61 2.98
CA ALA B 67 -8.67 -8.67 3.93
C ALA B 67 -7.41 -9.22 4.57
N LYS B 68 -6.49 -8.34 4.92
CA LYS B 68 -5.30 -8.71 5.68
C LYS B 68 -5.44 -8.25 7.14
N VAL B 69 -5.01 -9.12 8.07
CA VAL B 69 -4.89 -8.75 9.48
C VAL B 69 -3.47 -9.07 9.97
N VAL B 70 -2.74 -8.02 10.34
CA VAL B 70 -1.42 -8.13 10.94
C VAL B 70 -1.61 -8.26 12.45
N PRO B 71 -1.20 -9.39 13.05
CA PRO B 71 -1.40 -9.55 14.49
C PRO B 71 -0.45 -8.70 15.35
N PRO B 72 -0.79 -8.51 16.63
CA PRO B 72 0.06 -7.86 17.61
C PRO B 72 1.52 -8.31 17.51
N LYS B 73 2.46 -7.38 17.64
CA LYS B 73 3.88 -7.73 17.65
C LYS B 73 4.18 -8.78 18.72
N GLU B 74 3.44 -8.72 19.83
CA GLU B 74 3.65 -9.61 20.98
C GLU B 74 3.20 -11.05 20.74
N TRP B 75 2.30 -11.24 19.78
CA TRP B 75 1.61 -12.52 19.60
C TRP B 75 2.37 -13.51 18.72
N LYS B 76 2.56 -14.73 19.22
CA LYS B 76 3.13 -15.85 18.48
C LYS B 76 2.27 -17.12 18.73
N PRO B 77 1.90 -17.86 17.66
CA PRO B 77 1.12 -19.08 17.79
C PRO B 77 1.96 -20.31 18.21
N ARG B 78 3.27 -20.18 18.09
CA ARG B 78 4.19 -21.27 18.28
C ARG B 78 5.58 -20.67 18.57
N ALA B 79 6.31 -21.28 19.49
CA ALA B 79 7.63 -20.79 19.89
C ALA B 79 8.68 -20.94 18.79
N SER B 80 8.57 -22.02 18.00
CA SER B 80 9.65 -22.44 17.13
C SER B 80 9.17 -23.45 16.11
N TYR B 81 9.53 -23.23 14.85
CA TYR B 81 9.21 -24.14 13.75
C TYR B 81 10.37 -25.07 13.38
N ASP B 82 11.30 -25.28 14.33
CA ASP B 82 12.53 -26.05 14.10
C ASP B 82 12.37 -27.55 14.34
N ASP B 83 11.16 -27.99 14.64
CA ASP B 83 10.90 -29.33 15.18
C ASP B 83 9.83 -30.08 14.39
N ILE B 84 9.57 -29.65 13.16
CA ILE B 84 8.50 -30.25 12.33
C ILE B 84 9.03 -30.91 11.07
N ASP B 85 10.35 -31.05 10.94
CA ASP B 85 10.95 -31.73 9.77
C ASP B 85 10.44 -33.15 9.58
N ASP B 86 9.95 -33.76 10.65
CA ASP B 86 9.48 -35.14 10.60
C ASP B 86 7.96 -35.25 10.34
N LEU B 87 7.31 -34.10 10.16
CA LEU B 87 5.91 -34.03 9.76
C LEU B 87 5.73 -34.65 8.37
N VAL B 88 4.75 -35.54 8.24
CA VAL B 88 4.47 -36.23 6.98
C VAL B 88 3.46 -35.41 6.19
N ILE B 89 3.75 -35.22 4.90
CA ILE B 89 2.82 -34.67 3.91
C ILE B 89 2.35 -35.89 3.12
N PRO B 90 1.15 -36.39 3.47
CA PRO B 90 0.76 -37.69 2.94
C PRO B 90 0.27 -37.74 1.50
N ALA B 91 -0.16 -36.62 0.95
CA ALA B 91 -0.65 -36.62 -0.43
C ALA B 91 -0.20 -35.37 -1.15
N PRO B 92 1.12 -35.21 -1.39
CA PRO B 92 1.52 -33.99 -2.09
C PRO B 92 1.05 -34.03 -3.55
N ILE B 93 0.80 -32.88 -4.14
CA ILE B 93 0.23 -32.82 -5.50
C ILE B 93 1.22 -32.10 -6.43
N GLN B 94 1.52 -32.75 -7.55
CA GLN B 94 2.21 -32.10 -8.65
C GLN B 94 1.18 -31.36 -9.50
N GLN B 95 1.43 -30.08 -9.73
CA GLN B 95 0.48 -29.19 -10.41
C GLN B 95 0.86 -29.00 -11.90
N LEU B 96 0.18 -29.76 -12.76
CA LEU B 96 0.35 -29.69 -14.21
C LEU B 96 -0.63 -28.66 -14.78
N VAL B 97 -0.12 -27.63 -15.47
CA VAL B 97 -0.95 -26.54 -15.98
C VAL B 97 -0.90 -26.51 -17.51
N THR B 98 -2.08 -26.55 -18.14
CA THR B 98 -2.20 -26.45 -19.59
C THR B 98 -2.99 -25.20 -19.94
N GLY B 99 -2.51 -24.46 -20.92
CA GLY B 99 -3.30 -23.36 -21.44
C GLY B 99 -2.48 -22.31 -22.15
N GLN B 100 -3.17 -21.22 -22.49
CA GLN B 100 -2.60 -20.10 -23.24
C GLN B 100 -3.47 -18.83 -23.11
N SER B 101 -2.89 -17.70 -23.50
CA SER B 101 -3.58 -16.41 -23.53
C SER B 101 -4.31 -16.06 -22.24
N GLY B 102 -3.67 -16.33 -21.11
CA GLY B 102 -4.19 -15.99 -19.78
C GLY B 102 -5.28 -16.90 -19.25
N LEU B 103 -5.50 -18.02 -19.93
CA LEU B 103 -6.56 -18.97 -19.61
C LEU B 103 -5.94 -20.36 -19.49
N PHE B 104 -6.10 -20.98 -18.32
CA PHE B 104 -5.40 -22.22 -18.01
C PHE B 104 -6.25 -23.18 -17.20
N THR B 105 -5.99 -24.48 -17.37
CA THR B 105 -6.48 -25.54 -16.46
C THR B 105 -5.34 -26.22 -15.70
N GLN B 106 -5.51 -26.33 -14.38
CA GLN B 106 -4.56 -27.04 -13.52
C GLN B 106 -5.06 -28.45 -13.17
N TYR B 107 -4.21 -29.44 -13.38
CA TYR B 107 -4.49 -30.83 -13.06
C TYR B 107 -3.56 -31.17 -11.90
N ASN B 108 -4.13 -31.58 -10.79
CA ASN B 108 -3.41 -31.76 -9.54
C ASN B 108 -3.15 -33.24 -9.32
N ILE B 109 -1.88 -33.67 -9.43
CA ILE B 109 -1.52 -35.11 -9.52
C ILE B 109 -0.84 -35.58 -8.27
N GLN B 110 -1.53 -36.44 -7.52
CA GLN B 110 -1.07 -36.93 -6.21
C GLN B 110 0.21 -37.73 -6.31
N LYS B 111 1.26 -37.29 -5.61
CA LYS B 111 2.52 -38.02 -5.48
C LYS B 111 2.58 -38.77 -4.15
N LYS B 112 3.67 -39.51 -3.95
CA LYS B 112 3.91 -40.30 -2.71
C LYS B 112 4.20 -39.40 -1.50
N ALA B 113 3.83 -39.90 -0.31
CA ALA B 113 4.06 -39.21 0.96
C ALA B 113 5.51 -38.83 1.10
N MET B 114 5.75 -37.67 1.70
CA MET B 114 7.09 -37.19 1.93
C MET B 114 7.09 -36.32 3.19
N THR B 115 8.22 -36.23 3.87
CA THR B 115 8.31 -35.39 5.07
C THR B 115 8.47 -33.90 4.69
N VAL B 116 8.22 -33.02 5.65
CA VAL B 116 8.57 -31.60 5.49
C VAL B 116 10.03 -31.41 5.07
N ARG B 117 10.95 -32.14 5.71
CA ARG B 117 12.38 -32.06 5.36
C ARG B 117 12.57 -32.37 3.87
N GLU B 118 12.10 -33.54 3.44
CA GLU B 118 12.18 -33.96 2.04
C GLU B 118 11.55 -32.93 1.08
N PHE B 119 10.40 -32.39 1.48
CA PHE B 119 9.71 -31.37 0.69
C PHE B 119 10.52 -30.06 0.59
N ARG B 120 10.99 -29.58 1.74
CA ARG B 120 11.77 -28.33 1.83
C ARG B 120 13.07 -28.41 1.01
N LYS B 121 13.55 -29.62 0.83
CA LYS B 121 14.78 -29.87 0.09
C LYS B 121 14.52 -29.71 -1.41
N ILE B 122 13.39 -30.22 -1.90
CA ILE B 122 13.02 -30.08 -3.32
C ILE B 122 12.66 -28.63 -3.64
N ALA B 123 12.05 -27.94 -2.68
CA ALA B 123 11.56 -26.56 -2.89
C ALA B 123 12.70 -25.57 -3.03
N ASN B 124 13.65 -25.64 -2.11
CA ASN B 124 14.81 -24.74 -2.08
C ASN B 124 15.89 -25.18 -3.06
N SER B 125 15.69 -26.31 -3.75
CA SER B 125 16.69 -26.80 -4.70
C SER B 125 16.76 -25.87 -5.90
N ASP B 126 17.80 -26.03 -6.71
CA ASP B 126 17.98 -25.17 -7.88
C ASP B 126 16.84 -25.33 -8.90
N LYS B 127 16.26 -26.52 -9.01
CA LYS B 127 15.27 -26.78 -10.06
C LYS B 127 13.97 -26.04 -9.80
N TYR B 128 13.65 -25.84 -8.52
CA TYR B 128 12.34 -25.36 -8.13
C TYR B 128 12.32 -24.06 -7.32
N CYS B 129 13.47 -23.53 -6.97
CA CYS B 129 13.50 -22.32 -6.17
C CYS B 129 13.05 -21.09 -6.95
N THR B 130 12.78 -20.05 -6.19
CA THR B 130 12.26 -18.80 -6.68
C THR B 130 13.28 -18.20 -7.61
N PRO B 131 12.83 -17.74 -8.79
CA PRO B 131 13.79 -17.08 -9.64
C PRO B 131 14.26 -15.75 -9.00
N ARG B 132 15.40 -15.23 -9.45
CA ARG B 132 15.87 -13.91 -9.02
C ARG B 132 14.89 -12.86 -9.54
N TYR B 133 14.73 -11.80 -8.76
CA TYR B 133 13.83 -10.70 -9.13
C TYR B 133 14.04 -9.45 -8.24
N SER B 134 13.41 -8.33 -8.64
CA SER B 134 13.50 -7.05 -7.91
C SER B 134 12.17 -6.70 -7.25
N GLU B 135 11.19 -6.33 -8.07
CA GLU B 135 9.88 -5.91 -7.59
C GLU B 135 8.88 -7.06 -7.71
N PHE B 136 7.82 -7.01 -6.93
CA PHE B 136 6.80 -8.04 -7.00
C PHE B 136 6.29 -8.23 -8.44
N GLU B 137 6.09 -7.13 -9.17
CA GLU B 137 5.58 -7.14 -10.54
C GLU B 137 6.44 -7.99 -11.45
N GLU B 138 7.74 -8.10 -11.14
CA GLU B 138 8.68 -8.86 -11.95
C GLU B 138 8.43 -10.33 -11.71
N LEU B 139 8.26 -10.71 -10.44
CA LEU B 139 7.99 -12.12 -10.07
C LEU B 139 6.61 -12.57 -10.51
N GLU B 140 5.65 -11.65 -10.45
CA GLU B 140 4.32 -11.87 -11.01
C GLU B 140 4.38 -12.11 -12.50
N ARG B 141 5.18 -11.32 -13.23
CA ARG B 141 5.32 -11.57 -14.66
C ARG B 141 5.88 -12.96 -14.91
N LYS B 142 6.87 -13.36 -14.11
CA LYS B 142 7.51 -14.68 -14.22
C LYS B 142 6.59 -15.83 -13.85
N TYR B 143 5.66 -15.59 -12.93
CA TYR B 143 4.62 -16.55 -12.64
C TYR B 143 3.72 -16.78 -13.86
N TRP B 144 3.18 -15.71 -14.46
CA TRP B 144 2.23 -15.91 -15.55
C TRP B 144 2.87 -16.39 -16.84
N LYS B 145 4.16 -16.12 -16.99
CA LYS B 145 4.92 -16.56 -18.15
C LYS B 145 5.30 -18.05 -18.06
N ASN B 146 5.45 -18.56 -16.85
CA ASN B 146 6.11 -19.86 -16.62
C ASN B 146 5.27 -20.92 -15.90
N LEU B 147 3.99 -20.65 -15.62
CA LEU B 147 3.17 -21.60 -14.83
C LEU B 147 2.93 -22.93 -15.53
N THR B 148 3.03 -22.97 -16.85
CA THR B 148 2.88 -24.24 -17.58
C THR B 148 4.17 -25.06 -17.67
N PHE B 149 5.29 -24.50 -17.19
CA PHE B 149 6.59 -25.17 -17.25
C PHE B 149 7.01 -25.61 -15.88
N ASN B 150 7.80 -26.68 -15.83
CA ASN B 150 8.41 -27.16 -14.58
C ASN B 150 7.39 -27.35 -13.44
N PRO B 151 6.40 -28.26 -13.63
CA PRO B 151 5.32 -28.43 -12.63
C PRO B 151 5.83 -28.59 -11.19
N PRO B 152 5.44 -27.65 -10.31
CA PRO B 152 5.90 -27.73 -8.92
C PRO B 152 5.10 -28.76 -8.15
N ILE B 153 5.45 -28.91 -6.87
CA ILE B 153 4.79 -29.84 -5.97
C ILE B 153 4.23 -29.00 -4.81
N TYR B 154 2.93 -29.17 -4.54
CA TYR B 154 2.25 -28.44 -3.47
C TYR B 154 1.95 -29.39 -2.31
N GLY B 155 2.46 -29.09 -1.13
CA GLY B 155 2.27 -29.95 0.03
C GLY B 155 0.95 -29.59 0.68
N ALA B 156 -0.14 -29.89 0.01
CA ALA B 156 -1.44 -29.26 0.27
C ALA B 156 -2.39 -30.16 1.06
N ASP B 157 -3.30 -29.56 1.82
CA ASP B 157 -4.41 -30.24 2.48
C ASP B 157 -3.99 -31.27 3.50
N VAL B 158 -2.98 -30.92 4.30
CA VAL B 158 -2.43 -31.78 5.35
C VAL B 158 -3.23 -31.51 6.64
N ASN B 159 -3.95 -32.52 7.11
CA ASN B 159 -4.66 -32.40 8.36
C ASN B 159 -3.67 -32.10 9.47
N GLY B 160 -3.89 -30.99 10.17
CA GLY B 160 -3.13 -30.63 11.34
C GLY B 160 -3.08 -29.14 11.55
N THR B 161 -2.40 -28.77 12.65
CA THR B 161 -2.26 -27.39 13.10
C THR B 161 -0.82 -27.22 13.56
N LEU B 162 -0.29 -25.99 13.53
CA LEU B 162 1.02 -25.72 14.12
C LEU B 162 0.91 -24.80 15.31
N TYR B 163 -0.31 -24.49 15.73
CA TYR B 163 -0.53 -23.76 16.94
C TYR B 163 -0.23 -24.65 18.16
N GLU B 164 0.38 -24.06 19.18
CA GLU B 164 0.54 -24.71 20.47
C GLU B 164 -0.82 -24.72 21.17
N LYS B 165 -1.09 -25.77 21.95
CA LYS B 165 -2.40 -25.99 22.58
C LYS B 165 -2.88 -24.79 23.40
N HIS B 166 -1.94 -24.01 23.94
CA HIS B 166 -2.29 -22.93 24.86
C HIS B 166 -2.63 -21.59 24.20
N VAL B 167 -2.56 -21.50 22.88
CA VAL B 167 -2.78 -20.24 22.19
C VAL B 167 -4.28 -19.97 22.00
N ASP B 168 -4.82 -19.04 22.78
CA ASP B 168 -6.26 -18.78 22.84
C ASP B 168 -6.77 -17.75 21.82
N GLU B 169 -5.87 -16.99 21.20
CA GLU B 169 -6.28 -15.89 20.32
C GLU B 169 -6.08 -16.31 18.88
N TRP B 170 -7.13 -16.17 18.06
CA TRP B 170 -7.08 -16.42 16.62
C TRP B 170 -6.55 -17.80 16.28
N ASN B 171 -7.00 -18.77 17.06
CA ASN B 171 -6.55 -20.15 16.95
C ASN B 171 -7.40 -20.86 15.91
N ILE B 172 -6.79 -21.13 14.75
CA ILE B 172 -7.47 -21.68 13.57
C ILE B 172 -8.14 -23.02 13.88
N GLY B 173 -7.62 -23.73 14.87
CA GLY B 173 -8.27 -24.94 15.40
C GLY B 173 -9.53 -24.71 16.24
N ARG B 174 -9.73 -23.50 16.75
CA ARG B 174 -10.91 -23.23 17.58
C ARG B 174 -11.30 -21.77 17.60
N LEU B 175 -11.80 -21.28 16.48
CA LEU B 175 -12.06 -19.84 16.34
C LEU B 175 -13.29 -19.42 17.16
N ARG B 176 -14.18 -20.36 17.46
CA ARG B 176 -15.43 -20.08 18.20
C ARG B 176 -16.32 -19.21 17.33
N THR B 177 -16.87 -19.79 16.26
CA THR B 177 -17.82 -19.08 15.41
C THR B 177 -19.06 -19.95 15.29
N ILE B 178 -20.13 -19.42 14.70
CA ILE B 178 -21.37 -20.16 14.59
C ILE B 178 -21.28 -21.37 13.66
N LEU B 179 -20.18 -21.50 12.93
CA LEU B 179 -19.91 -22.70 12.13
C LEU B 179 -19.80 -23.95 12.99
N ASP B 180 -19.40 -23.74 14.25
CA ASP B 180 -19.31 -24.83 15.23
C ASP B 180 -20.63 -25.57 15.46
N LEU B 181 -21.76 -24.93 15.13
CA LEU B 181 -23.06 -25.61 15.24
C LEU B 181 -23.12 -26.93 14.45
N VAL B 182 -22.45 -26.98 13.29
CA VAL B 182 -22.39 -28.21 12.51
C VAL B 182 -21.79 -29.38 13.29
N GLU B 183 -20.67 -29.16 13.95
CA GLU B 183 -20.04 -30.21 14.77
C GLU B 183 -20.77 -30.37 16.11
N LYS B 184 -21.05 -29.25 16.78
CA LYS B 184 -21.63 -29.26 18.13
C LYS B 184 -23.07 -29.80 18.19
N GLU B 185 -23.98 -29.16 17.44
CA GLU B 185 -25.38 -29.58 17.42
C GLU B 185 -25.60 -30.86 16.61
N SER B 186 -24.93 -30.99 15.46
CA SER B 186 -25.22 -32.09 14.54
C SER B 186 -24.13 -33.15 14.42
N GLY B 187 -23.06 -33.04 15.20
CA GLY B 187 -21.99 -34.04 15.24
C GLY B 187 -21.21 -34.30 13.94
N ILE B 188 -21.13 -33.32 13.03
CA ILE B 188 -20.46 -33.53 11.73
C ILE B 188 -19.07 -32.87 11.67
N THR B 189 -18.10 -33.61 11.14
CA THR B 189 -16.73 -33.11 10.90
C THR B 189 -16.48 -33.04 9.39
N ILE B 190 -16.04 -31.87 8.94
CA ILE B 190 -15.67 -31.67 7.54
C ILE B 190 -14.23 -31.20 7.53
N GLU B 191 -13.33 -32.15 7.28
CA GLU B 191 -11.90 -31.89 7.38
C GLU B 191 -11.51 -30.70 6.52
N GLY B 192 -10.73 -29.79 7.10
CA GLY B 192 -10.36 -28.55 6.40
C GLY B 192 -11.37 -27.42 6.43
N VAL B 193 -12.64 -27.75 6.71
CA VAL B 193 -13.77 -26.81 6.80
C VAL B 193 -14.03 -26.42 8.26
N ASN B 194 -14.36 -27.39 9.10
CA ASN B 194 -14.35 -27.14 10.55
C ASN B 194 -13.14 -27.84 11.26
N THR B 195 -12.10 -28.17 10.51
CA THR B 195 -10.80 -28.55 11.10
C THR B 195 -9.70 -27.84 10.31
N PRO B 196 -8.50 -27.69 10.93
CA PRO B 196 -7.38 -27.04 10.28
C PRO B 196 -6.62 -27.90 9.25
N TYR B 197 -6.09 -27.23 8.23
CA TYR B 197 -5.27 -27.81 7.16
C TYR B 197 -3.97 -27.01 7.12
N LEU B 198 -2.87 -27.68 6.82
CA LEU B 198 -1.60 -27.06 6.53
C LEU B 198 -1.32 -27.17 5.03
N TYR B 199 -0.57 -26.20 4.54
CA TYR B 199 -0.20 -26.06 3.14
C TYR B 199 1.29 -25.70 3.11
N PHE B 200 2.09 -26.58 2.52
CA PHE B 200 3.52 -26.34 2.28
C PHE B 200 3.72 -25.95 0.82
N GLY B 201 4.04 -24.69 0.59
CA GLY B 201 4.27 -24.20 -0.74
C GLY B 201 5.72 -24.25 -1.20
N MET B 202 5.87 -24.20 -2.51
CA MET B 202 7.12 -23.81 -3.12
C MET B 202 6.77 -22.82 -4.23
N TRP B 203 7.80 -22.32 -4.90
CA TRP B 203 7.65 -21.38 -6.00
C TRP B 203 6.66 -21.92 -7.06
N LYS B 204 5.73 -21.04 -7.43
CA LYS B 204 4.87 -21.26 -8.58
C LYS B 204 3.74 -22.29 -8.29
N THR B 205 3.60 -22.70 -7.02
CA THR B 205 2.40 -23.42 -6.58
C THR B 205 1.20 -22.47 -6.49
N SER B 206 0.04 -22.95 -6.91
CA SER B 206 -1.09 -22.07 -7.25
C SER B 206 -2.36 -22.50 -6.60
N PHE B 207 -3.20 -21.52 -6.28
CA PHE B 207 -4.60 -21.82 -6.04
C PHE B 207 -5.46 -21.14 -7.09
N ALA B 208 -6.26 -21.98 -7.74
CA ALA B 208 -7.20 -21.58 -8.75
C ALA B 208 -8.35 -20.74 -8.20
N TRP B 209 -8.99 -20.04 -9.11
CA TRP B 209 -10.13 -19.18 -8.78
C TRP B 209 -11.26 -19.95 -8.14
N HIS B 210 -11.66 -19.51 -6.96
CA HIS B 210 -12.71 -20.19 -6.21
C HIS B 210 -13.29 -19.29 -5.11
N THR B 211 -14.52 -19.59 -4.72
CA THR B 211 -15.04 -19.22 -3.42
C THR B 211 -14.96 -20.48 -2.51
N GLU B 212 -15.13 -20.28 -1.23
CA GLU B 212 -15.08 -21.40 -0.29
C GLU B 212 -16.28 -22.32 -0.42
N ASP B 213 -16.11 -23.55 0.04
CA ASP B 213 -17.27 -24.43 0.17
C ASP B 213 -18.40 -23.71 0.90
N MET B 214 -19.63 -23.92 0.43
CA MET B 214 -20.83 -23.24 0.95
C MET B 214 -20.73 -21.72 1.00
N ASP B 215 -19.86 -21.16 0.15
CA ASP B 215 -19.54 -19.74 0.17
C ASP B 215 -19.22 -19.20 1.57
N LEU B 216 -18.53 -20.01 2.38
CA LEU B 216 -18.12 -19.61 3.72
C LEU B 216 -17.02 -18.54 3.70
N TYR B 217 -16.64 -18.06 4.89
CA TYR B 217 -15.39 -17.33 5.08
C TYR B 217 -14.23 -18.33 5.17
N SER B 218 -13.03 -17.84 4.90
CA SER B 218 -11.81 -18.54 5.31
C SER B 218 -10.81 -17.64 6.06
N ILE B 219 -9.97 -18.28 6.85
CA ILE B 219 -8.82 -17.65 7.53
C ILE B 219 -7.56 -18.41 7.09
N ASN B 220 -6.49 -17.67 6.87
CA ASN B 220 -5.23 -18.21 6.38
C ASN B 220 -4.12 -17.50 7.13
N TYR B 221 -3.34 -18.25 7.91
CA TYR B 221 -2.14 -17.71 8.54
C TYR B 221 -0.92 -18.32 7.90
N LEU B 222 -0.02 -17.44 7.43
CA LEU B 222 1.28 -17.82 6.88
C LEU B 222 2.28 -17.90 8.05
N HIS B 223 2.59 -19.13 8.47
CA HIS B 223 3.41 -19.41 9.67
C HIS B 223 4.86 -18.99 9.51
N PHE B 224 5.41 -19.24 8.33
CA PHE B 224 6.79 -18.93 7.98
C PHE B 224 7.00 -19.06 6.48
N GLY B 225 8.17 -18.64 6.05
CA GLY B 225 8.61 -18.88 4.70
C GLY B 225 8.34 -17.69 3.83
N GLU B 226 8.46 -17.94 2.53
CA GLU B 226 8.28 -16.91 1.54
C GLU B 226 6.81 -16.53 1.38
N PRO B 227 6.57 -15.33 0.82
CA PRO B 227 5.20 -14.86 0.77
C PRO B 227 4.26 -15.66 -0.14
N LYS B 228 2.98 -15.39 0.06
CA LYS B 228 1.89 -15.92 -0.74
C LYS B 228 1.14 -14.70 -1.30
N SER B 229 0.95 -14.64 -2.61
CA SER B 229 0.22 -13.55 -3.25
C SER B 229 -1.19 -13.97 -3.69
N TRP B 230 -2.10 -13.02 -3.66
CA TRP B 230 -3.51 -13.26 -3.83
C TRP B 230 -4.09 -12.30 -4.82
N TYR B 231 -5.11 -12.76 -5.51
CA TYR B 231 -6.02 -11.94 -6.32
C TYR B 231 -7.43 -12.12 -5.76
N SER B 232 -8.22 -11.05 -5.80
CA SER B 232 -9.56 -11.05 -5.21
C SER B 232 -10.52 -10.31 -6.13
N VAL B 233 -11.68 -10.92 -6.41
CA VAL B 233 -12.77 -10.20 -7.07
C VAL B 233 -13.86 -9.83 -6.03
N PRO B 234 -14.26 -8.55 -5.97
CA PRO B 234 -15.31 -8.18 -5.01
C PRO B 234 -16.56 -9.05 -5.10
N PRO B 235 -17.09 -9.53 -3.97
CA PRO B 235 -18.34 -10.31 -4.01
C PRO B 235 -19.47 -9.69 -4.88
N GLU B 236 -19.62 -8.37 -4.84
CA GLU B 236 -20.61 -7.67 -5.68
C GLU B 236 -20.38 -7.80 -7.20
N HIS B 237 -19.23 -8.34 -7.61
CA HIS B 237 -18.93 -8.58 -9.02
C HIS B 237 -18.61 -10.04 -9.37
N GLY B 238 -18.79 -10.96 -8.43
CA GLY B 238 -18.46 -12.34 -8.59
C GLY B 238 -19.24 -13.11 -9.65
N LYS B 239 -20.52 -12.77 -9.84
CA LYS B 239 -21.32 -13.32 -10.97
C LYS B 239 -20.70 -13.01 -12.31
N ARG B 240 -20.08 -11.85 -12.43
CA ARG B 240 -19.44 -11.42 -13.67
C ARG B 240 -18.23 -12.29 -13.98
N LEU B 241 -17.41 -12.58 -12.97
CA LEU B 241 -16.34 -13.53 -13.14
C LEU B 241 -16.88 -14.89 -13.60
N GLU B 242 -17.95 -15.37 -12.96
CA GLU B 242 -18.59 -16.66 -13.34
C GLU B 242 -19.11 -16.66 -14.79
N ARG B 243 -19.66 -15.55 -15.23
CA ARG B 243 -20.08 -15.44 -16.64
C ARG B 243 -18.88 -15.46 -17.59
N LEU B 244 -17.79 -14.81 -17.18
CA LEU B 244 -16.55 -14.82 -17.95
C LEU B 244 -15.99 -16.23 -18.05
N ALA B 245 -15.81 -16.88 -16.91
CA ALA B 245 -15.30 -18.25 -16.89
C ALA B 245 -16.15 -19.18 -17.78
N LYS B 246 -17.47 -19.11 -17.64
CA LYS B 246 -18.41 -19.92 -18.43
C LYS B 246 -18.22 -19.62 -19.92
N GLY B 247 -17.98 -18.36 -20.24
CA GLY B 247 -17.66 -17.97 -21.62
C GLY B 247 -16.41 -18.65 -22.14
N PHE B 248 -15.37 -18.68 -21.32
CA PHE B 248 -14.13 -19.33 -21.73
C PHE B 248 -14.16 -20.86 -21.72
N PHE B 249 -14.94 -21.46 -20.83
CA PHE B 249 -14.95 -22.93 -20.67
C PHE B 249 -16.37 -23.43 -20.75
N PRO B 250 -16.99 -23.32 -21.94
CA PRO B 250 -18.41 -23.61 -22.13
C PRO B 250 -18.76 -25.08 -21.97
N GLY B 251 -17.81 -25.96 -22.28
CA GLY B 251 -18.00 -27.39 -22.10
C GLY B 251 -18.09 -27.73 -20.63
N SER B 252 -17.14 -27.19 -19.86
CA SER B 252 -17.09 -27.40 -18.42
C SER B 252 -18.37 -26.95 -17.73
N ALA B 253 -18.81 -25.74 -18.04
CA ALA B 253 -20.05 -25.18 -17.53
C ALA B 253 -21.25 -26.05 -17.88
N GLN B 254 -21.24 -26.64 -19.09
CA GLN B 254 -22.30 -27.55 -19.51
C GLN B 254 -22.40 -28.75 -18.56
N SER B 255 -21.26 -29.37 -18.27
CA SER B 255 -21.19 -30.52 -17.36
C SER B 255 -21.56 -30.20 -15.91
N CYS B 256 -21.28 -28.97 -15.49
CA CYS B 256 -21.43 -28.61 -14.08
C CYS B 256 -21.75 -27.12 -13.90
N GLU B 257 -22.86 -26.84 -13.26
CA GLU B 257 -23.17 -25.45 -12.91
C GLU B 257 -22.01 -24.79 -12.15
N ALA B 258 -21.56 -25.42 -11.06
CA ALA B 258 -20.48 -24.81 -10.26
C ALA B 258 -19.07 -25.32 -10.58
N PHE B 259 -18.70 -25.33 -11.85
CA PHE B 259 -17.45 -25.97 -12.28
C PHE B 259 -16.20 -25.31 -11.72
N LEU B 260 -16.28 -24.05 -11.28
CA LEU B 260 -15.14 -23.36 -10.71
C LEU B 260 -14.75 -23.97 -9.37
N ARG B 261 -15.74 -24.57 -8.69
CA ARG B 261 -15.53 -25.28 -7.43
C ARG B 261 -14.59 -26.45 -7.55
N HIS B 262 -14.36 -26.92 -8.78
CA HIS B 262 -13.38 -27.98 -9.03
C HIS B 262 -11.98 -27.49 -8.80
N LYS B 263 -11.81 -26.17 -8.72
CA LYS B 263 -10.54 -25.51 -8.38
C LYS B 263 -9.40 -25.85 -9.36
N MET B 264 -9.77 -25.81 -10.65
CA MET B 264 -8.88 -26.10 -11.77
C MET B 264 -8.67 -24.94 -12.75
N THR B 265 -9.34 -23.80 -12.54
CA THR B 265 -9.36 -22.71 -13.51
C THR B 265 -8.48 -21.55 -13.01
N LEU B 266 -7.43 -21.28 -13.78
CA LEU B 266 -6.57 -20.12 -13.57
C LEU B 266 -6.80 -19.09 -14.69
N ILE B 267 -6.98 -17.83 -14.30
CA ILE B 267 -7.27 -16.75 -15.23
C ILE B 267 -6.35 -15.60 -14.84
N SER B 268 -5.56 -15.09 -15.78
CA SER B 268 -4.61 -14.07 -15.45
C SER B 268 -5.30 -12.74 -15.19
N PRO B 269 -4.69 -11.89 -14.36
CA PRO B 269 -5.14 -10.51 -14.21
C PRO B 269 -5.24 -9.69 -15.50
N LEU B 270 -4.50 -10.08 -16.54
CA LEU B 270 -4.53 -9.36 -17.79
C LEU B 270 -5.84 -9.65 -18.50
N MET B 271 -6.30 -10.88 -18.39
CA MET B 271 -7.62 -11.26 -18.91
C MET B 271 -8.79 -10.62 -18.15
N LEU B 272 -8.73 -10.58 -16.83
CA LEU B 272 -9.76 -9.87 -16.04
C LEU B 272 -9.85 -8.40 -16.44
N LYS B 273 -8.69 -7.76 -16.58
CA LYS B 273 -8.64 -6.36 -16.97
C LYS B 273 -9.27 -6.18 -18.34
N LYS B 274 -8.97 -7.09 -19.25
CA LYS B 274 -9.44 -7.04 -20.62
C LYS B 274 -10.98 -7.08 -20.74
N TYR B 275 -11.61 -8.02 -20.06
CA TYR B 275 -13.05 -8.18 -20.11
C TYR B 275 -13.75 -7.38 -18.99
N GLY B 276 -12.98 -6.55 -18.29
CA GLY B 276 -13.53 -5.57 -17.36
C GLY B 276 -13.99 -6.07 -16.00
N ILE B 277 -13.38 -7.13 -15.49
CA ILE B 277 -13.72 -7.66 -14.16
C ILE B 277 -12.87 -6.95 -13.10
N PRO B 278 -13.51 -6.24 -12.15
CA PRO B 278 -12.76 -5.59 -11.08
C PRO B 278 -12.08 -6.57 -10.14
N PHE B 279 -10.85 -6.26 -9.74
CA PHE B 279 -10.10 -7.13 -8.87
C PHE B 279 -8.98 -6.35 -8.19
N ASP B 280 -8.42 -6.92 -7.14
CA ASP B 280 -7.30 -6.32 -6.44
C ASP B 280 -6.30 -7.44 -6.17
N LYS B 281 -5.08 -7.05 -5.80
CA LYS B 281 -4.04 -8.01 -5.41
C LYS B 281 -3.38 -7.63 -4.09
N VAL B 282 -2.79 -8.62 -3.43
CA VAL B 282 -2.13 -8.39 -2.18
C VAL B 282 -1.13 -9.53 -1.93
N THR B 283 -0.04 -9.22 -1.24
CA THR B 283 0.94 -10.20 -0.86
C THR B 283 0.95 -10.33 0.67
N GLN B 284 0.74 -11.57 1.11
CA GLN B 284 0.76 -11.97 2.52
C GLN B 284 2.17 -12.45 2.86
N GLU B 285 2.74 -11.88 3.93
CA GLU B 285 4.06 -12.27 4.45
C GLU B 285 3.95 -13.16 5.67
N ALA B 286 5.06 -13.79 6.02
CA ALA B 286 5.12 -14.64 7.23
C ALA B 286 4.55 -13.84 8.40
N GLY B 287 3.71 -14.48 9.20
CA GLY B 287 3.15 -13.83 10.35
C GLY B 287 1.89 -13.05 10.09
N GLU B 288 1.33 -13.13 8.88
CA GLU B 288 0.12 -12.37 8.58
C GLU B 288 -1.06 -13.24 8.25
N PHE B 289 -2.25 -12.75 8.63
CA PHE B 289 -3.53 -13.40 8.32
C PHE B 289 -4.19 -12.79 7.12
N MET B 290 -4.74 -13.66 6.27
CA MET B 290 -5.73 -13.29 5.28
C MET B 290 -7.09 -13.85 5.67
N ILE B 291 -8.11 -13.09 5.35
CA ILE B 291 -9.53 -13.45 5.56
C ILE B 291 -10.17 -13.30 4.19
N THR B 292 -10.84 -14.34 3.72
CA THR B 292 -11.72 -14.20 2.57
C THR B 292 -13.17 -14.14 3.08
N PHE B 293 -14.00 -13.40 2.39
CA PHE B 293 -15.40 -13.24 2.76
C PHE B 293 -16.32 -14.08 1.85
N PRO B 294 -17.54 -14.36 2.32
CA PRO B 294 -18.55 -15.06 1.53
C PRO B 294 -18.69 -14.53 0.08
N TYR B 295 -18.57 -15.46 -0.86
CA TYR B 295 -18.66 -15.22 -2.29
C TYR B 295 -17.57 -14.31 -2.86
N GLY B 296 -16.44 -14.27 -2.17
CA GLY B 296 -15.24 -13.62 -2.65
C GLY B 296 -14.34 -14.60 -3.37
N TYR B 297 -14.35 -14.53 -4.70
CA TYR B 297 -13.45 -15.29 -5.55
C TYR B 297 -12.03 -14.82 -5.32
N HIS B 298 -11.14 -15.79 -5.11
CA HIS B 298 -9.73 -15.50 -5.03
C HIS B 298 -8.95 -16.61 -5.72
N ALA B 299 -7.74 -16.24 -6.13
CA ALA B 299 -6.73 -17.12 -6.71
C ALA B 299 -5.37 -16.58 -6.24
N GLY B 300 -4.30 -17.31 -6.49
CA GLY B 300 -2.97 -16.77 -6.26
C GLY B 300 -1.88 -17.81 -6.35
N PHE B 301 -0.71 -17.48 -5.80
CA PHE B 301 0.43 -18.36 -5.88
C PHE B 301 1.42 -18.11 -4.76
N ASN B 302 2.30 -19.07 -4.56
CA ASN B 302 3.38 -18.97 -3.55
C ASN B 302 4.70 -18.53 -4.16
N HIS B 303 5.44 -17.67 -3.46
CA HIS B 303 6.68 -17.13 -3.94
C HIS B 303 7.79 -18.14 -3.79
N GLY B 304 7.66 -19.04 -2.81
CA GLY B 304 8.74 -19.91 -2.49
C GLY B 304 8.33 -20.76 -1.31
N PHE B 305 9.30 -21.44 -0.74
CA PHE B 305 9.04 -22.37 0.35
C PHE B 305 8.34 -21.65 1.51
N ASN B 306 7.18 -22.18 1.89
CA ASN B 306 6.44 -21.59 2.99
C ASN B 306 5.44 -22.55 3.60
N CYS B 307 4.80 -22.12 4.68
CA CYS B 307 3.81 -22.91 5.37
C CYS B 307 2.63 -22.09 5.89
N ALA B 308 1.43 -22.44 5.46
CA ALA B 308 0.21 -21.73 5.85
C ALA B 308 -0.76 -22.70 6.47
N GLU B 309 -1.71 -22.13 7.21
CA GLU B 309 -2.72 -22.89 7.92
C GLU B 309 -4.06 -22.28 7.64
N SER B 310 -5.03 -23.10 7.25
CA SER B 310 -6.34 -22.57 6.92
C SER B 310 -7.47 -23.39 7.50
N THR B 311 -8.59 -22.70 7.72
CA THR B 311 -9.90 -23.34 7.89
C THR B 311 -11.01 -22.37 7.44
N ASN B 312 -12.25 -22.84 7.46
CA ASN B 312 -13.41 -21.99 7.24
C ASN B 312 -14.07 -21.55 8.54
N PHE B 313 -14.90 -20.51 8.46
CA PHE B 313 -15.70 -20.05 9.57
C PHE B 313 -16.90 -19.29 9.03
N ALA B 314 -17.79 -18.87 9.92
CA ALA B 314 -19.03 -18.19 9.55
C ALA B 314 -19.30 -17.00 10.48
N THR B 315 -20.08 -16.04 9.99
CA THR B 315 -20.76 -15.05 10.80
C THR B 315 -22.24 -15.26 10.51
N ARG B 316 -23.11 -14.51 11.19
CA ARG B 316 -24.56 -14.55 10.91
C ARG B 316 -24.90 -14.15 9.46
N ARG B 317 -24.07 -13.27 8.90
CA ARG B 317 -24.23 -12.81 7.53
C ARG B 317 -24.08 -13.96 6.52
N TRP B 318 -23.23 -14.92 6.86
CA TRP B 318 -23.04 -16.09 6.02
C TRP B 318 -24.30 -16.94 5.77
N ILE B 319 -25.24 -16.99 6.71
CA ILE B 319 -26.33 -17.96 6.63
C ILE B 319 -27.06 -17.84 5.29
N GLU B 320 -27.37 -16.61 4.88
CA GLU B 320 -28.03 -16.37 3.60
C GLU B 320 -27.18 -16.80 2.39
N TYR B 321 -25.88 -16.66 2.49
CA TYR B 321 -24.98 -17.16 1.44
C TYR B 321 -24.99 -18.69 1.36
N GLY B 322 -25.01 -19.34 2.53
CA GLY B 322 -25.14 -20.80 2.63
C GLY B 322 -26.43 -21.35 2.06
N LYS B 323 -27.56 -20.68 2.32
CA LYS B 323 -28.84 -21.07 1.74
C LYS B 323 -28.85 -20.92 0.20
N GLN B 324 -28.11 -19.94 -0.30
CA GLN B 324 -28.08 -19.65 -1.73
C GLN B 324 -26.88 -20.22 -2.52
N ALA B 325 -25.89 -20.80 -1.83
CA ALA B 325 -24.68 -21.33 -2.48
C ALA B 325 -25.01 -22.25 -3.64
N VAL B 326 -24.44 -21.98 -4.82
CA VAL B 326 -24.62 -22.91 -5.97
C VAL B 326 -23.50 -23.97 -5.83
N LEU B 327 -23.90 -25.23 -5.66
CA LEU B 327 -22.96 -26.27 -5.31
C LEU B 327 -22.64 -27.14 -6.50
N CYS B 328 -21.51 -27.83 -6.39
CA CYS B 328 -21.08 -28.80 -7.39
C CYS B 328 -21.99 -30.03 -7.38
N SER B 329 -22.65 -30.21 -8.53
CA SER B 329 -23.53 -31.32 -8.83
C SER B 329 -22.84 -32.67 -9.19
N CYS B 330 -21.70 -32.60 -9.88
CA CYS B 330 -21.19 -33.68 -10.72
C CYS B 330 -20.22 -34.69 -10.07
N ARG B 331 -19.58 -34.29 -8.97
CA ARG B 331 -18.68 -35.15 -8.21
C ARG B 331 -19.41 -35.65 -6.96
N LYS B 332 -18.90 -36.73 -6.36
CA LYS B 332 -19.54 -37.36 -5.18
C LYS B 332 -18.90 -36.85 -3.89
N ASP B 333 -19.75 -36.65 -2.88
CA ASP B 333 -19.29 -36.31 -1.52
C ASP B 333 -18.54 -34.95 -1.51
N MET B 334 -19.08 -34.00 -2.26
CA MET B 334 -18.62 -32.62 -2.18
C MET B 334 -19.17 -32.05 -0.89
N VAL B 335 -18.56 -30.98 -0.41
CA VAL B 335 -19.01 -30.43 0.83
C VAL B 335 -20.38 -29.73 0.62
N LYS B 336 -21.38 -30.24 1.33
CA LYS B 336 -22.72 -29.65 1.42
C LYS B 336 -23.13 -29.65 2.90
N ILE B 337 -23.30 -28.47 3.48
CA ILE B 337 -23.77 -28.32 4.86
C ILE B 337 -25.29 -28.19 4.85
N SER B 338 -25.96 -28.92 5.73
CA SER B 338 -27.40 -28.75 5.94
C SER B 338 -27.59 -27.43 6.67
N MET B 339 -28.42 -26.55 6.09
CA MET B 339 -28.61 -25.21 6.60
C MET B 339 -29.70 -25.10 7.65
N ASP B 340 -30.53 -26.14 7.74
CA ASP B 340 -31.61 -26.21 8.73
C ASP B 340 -31.23 -25.72 10.09
N VAL B 341 -30.13 -26.25 10.61
CA VAL B 341 -29.71 -25.92 11.97
C VAL B 341 -29.52 -24.40 12.10
N PHE B 342 -29.03 -23.76 11.03
CA PHE B 342 -28.80 -22.31 11.02
C PHE B 342 -30.10 -21.53 10.86
N VAL B 343 -30.97 -21.99 9.96
CA VAL B 343 -32.23 -21.31 9.71
C VAL B 343 -33.18 -21.42 10.91
N ARG B 344 -33.31 -22.61 11.51
CA ARG B 344 -34.14 -22.80 12.69
CA ARG B 344 -34.11 -22.84 12.72
C ARG B 344 -33.70 -21.86 13.83
N LYS B 345 -32.39 -21.81 14.10
CA LYS B 345 -31.83 -21.01 15.21
C LYS B 345 -31.80 -19.49 15.00
N PHE B 346 -31.40 -19.05 13.81
CA PHE B 346 -31.16 -17.61 13.55
C PHE B 346 -32.23 -16.98 12.68
N GLN B 347 -33.03 -17.79 11.99
CA GLN B 347 -34.16 -17.27 11.21
C GLN B 347 -35.43 -18.09 11.45
N PRO B 348 -35.85 -18.23 12.73
CA PRO B 348 -36.98 -19.06 13.05
C PRO B 348 -38.29 -18.62 12.39
N GLU B 349 -38.40 -17.33 12.11
CA GLU B 349 -39.63 -16.75 11.53
C GLU B 349 -39.64 -16.90 10.00
N ARG B 350 -38.49 -17.22 9.44
CA ARG B 350 -38.39 -17.53 8.03
C ARG B 350 -38.32 -19.04 7.73
N TYR B 351 -38.26 -19.88 8.76
CA TYR B 351 -37.99 -21.31 8.59
C TYR B 351 -39.05 -22.06 7.74
N LYS B 352 -40.32 -21.84 8.02
CA LYS B 352 -41.39 -22.48 7.25
C LYS B 352 -41.38 -22.04 5.78
N LEU B 353 -41.20 -20.75 5.55
CA LEU B 353 -41.12 -20.20 4.19
C LEU B 353 -39.94 -20.80 3.41
N TRP B 354 -38.77 -20.80 4.02
CA TRP B 354 -37.58 -21.40 3.46
C TRP B 354 -37.78 -22.88 3.12
N LYS B 355 -38.44 -23.58 4.04
CA LYS B 355 -38.73 -25.00 3.92
C LYS B 355 -39.56 -25.23 2.65
N ALA B 356 -40.64 -24.47 2.51
CA ALA B 356 -41.54 -24.53 1.36
C ALA B 356 -40.91 -24.09 0.02
N GLY B 357 -39.71 -23.52 0.07
CA GLY B 357 -39.01 -23.08 -1.14
C GLY B 357 -39.32 -21.65 -1.55
N LYS B 358 -39.97 -20.92 -0.65
CA LYS B 358 -40.49 -19.58 -0.94
C LYS B 358 -39.76 -18.40 -0.24
N ASP B 359 -38.54 -18.62 0.25
CA ASP B 359 -37.71 -17.54 0.76
C ASP B 359 -36.98 -16.89 -0.43
N ASN B 360 -37.45 -15.72 -0.85
CA ASN B 360 -36.85 -15.04 -2.00
C ASN B 360 -36.02 -13.80 -1.58
N THR B 361 -35.22 -13.96 -0.53
CA THR B 361 -34.26 -12.96 -0.07
C THR B 361 -33.18 -12.73 -1.11
N VAL B 362 -32.96 -11.46 -1.45
CA VAL B 362 -31.83 -11.06 -2.28
C VAL B 362 -30.72 -10.63 -1.32
N ILE B 363 -29.52 -11.15 -1.53
CA ILE B 363 -28.35 -10.78 -0.74
C ILE B 363 -27.76 -9.46 -1.24
N ASP B 364 -27.57 -8.51 -0.33
CA ASP B 364 -26.85 -7.28 -0.62
C ASP B 364 -25.41 -7.38 -0.14
N HIS B 365 -24.48 -7.59 -1.06
CA HIS B 365 -23.07 -7.87 -0.71
C HIS B 365 -22.34 -6.73 -0.02
N THR B 366 -22.89 -5.52 -0.05
CA THR B 366 -22.24 -4.37 0.56
C THR B 366 -22.52 -4.28 2.06
N LEU B 367 -23.52 -5.01 2.53
CA LEU B 367 -23.90 -4.94 3.94
C LEU B 367 -22.97 -5.77 4.85
N PRO B 368 -22.57 -5.17 5.99
CA PRO B 368 -21.84 -5.90 7.01
C PRO B 368 -22.73 -6.87 7.80
N THR B 369 -22.08 -7.74 8.56
CA THR B 369 -22.78 -8.66 9.42
C THR B 369 -23.45 -7.81 10.52
N PRO B 370 -24.64 -8.24 11.01
CA PRO B 370 -25.38 -7.48 12.01
C PRO B 370 -24.61 -7.30 13.33
N GLU B 371 -23.76 -8.29 13.66
CA GLU B 371 -22.85 -8.24 14.82
C GLU B 371 -22.01 -6.95 14.84
N ALA B 372 -21.85 -6.34 13.66
CA ALA B 372 -21.17 -5.06 13.48
C ALA B 372 -21.96 -3.83 13.92
N ALA B 373 -23.25 -4.00 14.25
CA ALA B 373 -24.10 -2.88 14.67
C ALA B 373 -23.49 -2.16 15.87
N GLU B 374 -22.85 -2.95 16.73
CA GLU B 374 -21.99 -2.48 17.84
C GLU B 374 -21.17 -1.21 17.54
N PHE B 375 -20.55 -1.21 16.36
CA PHE B 375 -19.64 -0.15 15.95
C PHE B 375 -20.34 0.94 15.12
N LEU B 376 -21.28 0.55 14.25
CA LEU B 376 -21.96 1.48 13.34
C LEU B 376 -23.03 2.34 14.05
N ALA C 1 4.77 28.61 -14.67
CA ALA C 1 5.97 29.49 -14.59
C ALA C 1 6.42 29.83 -13.16
N ARG C 2 5.75 29.33 -12.13
CA ARG C 2 6.33 29.35 -10.77
C ARG C 2 5.87 28.20 -9.90
N SER C 4 4.28 26.64 -6.59
CA SER C 4 3.16 27.02 -5.72
C SER C 4 2.96 26.00 -4.59
N THR C 5 2.59 26.50 -3.43
CA THR C 5 2.28 25.67 -2.28
C THR C 5 1.00 24.84 -2.52
N GLY C 6 0.07 25.37 -3.31
CA GLY C 6 -1.17 24.65 -3.63
C GLY C 6 -2.24 25.58 -4.11
N GLY C 7 -3.30 25.04 -4.71
CA GLY C 7 -4.35 25.85 -5.35
C GLY C 7 -5.67 25.83 -4.60
N ALA D 1 -16.49 -34.73 1.26
CA ALA D 1 -16.88 -34.50 2.70
C ALA D 1 -15.61 -34.10 3.42
N ARG D 2 -14.69 -33.62 2.61
CA ARG D 2 -13.52 -32.95 3.10
C ARG D 2 -13.26 -31.83 2.12
N SER D 4 -10.87 -29.93 -0.31
CA SER D 4 -9.75 -30.29 -1.18
C SER D 4 -9.27 -29.05 -1.93
N THR D 5 -8.00 -29.11 -2.36
CA THR D 5 -7.27 -27.99 -2.97
C THR D 5 -7.46 -27.89 -4.48
N GLY D 6 -8.09 -28.91 -5.07
CA GLY D 6 -8.23 -28.98 -6.51
C GLY D 6 -8.24 -30.44 -6.96
N GLY D 7 -8.43 -30.64 -8.26
CA GLY D 7 -8.52 -32.00 -8.82
C GLY D 7 -7.87 -32.11 -10.17
#